data_6B3I
#
_entry.id   6B3I
#
_cell.length_a   190.623
_cell.length_b   93.815
_cell.length_c   94.858
_cell.angle_alpha   90.00
_cell.angle_beta   106.02
_cell.angle_gamma   90.00
#
_symmetry.space_group_name_H-M   'C 1 2 1'
#
loop_
_entity.id
_entity.type
_entity.pdbx_description
1 polymer Annexin
2 non-polymer 1,2-ETHANEDIOL
3 water water
#
_entity_poly.entity_id   1
_entity_poly.type   'polypeptide(L)'
_entity_poly.pdbx_seq_one_letter_code
;MSYYHHHHHHDYDIPTTENLYFQGAMEMGNRHAKASSPQGFDVDRDAKKLNKACKGMGTNEAAIIEILSGRTSDERQQIK
QKYKATYGKELEEVLKSELSGNFEKTALALLDHPSEYAARQLQKAMKGLGTDESVLIEVLCTRTNKEIIAIKEAYQRLFD
RSLESDVKGDTSGNLKKILVSLLQANRNEGDDVDKDLAGQDAKDLYDAGEGRWGTDELAFNEVLAKRSYKQLRATFQAYQ
ILIGKDIEEAIEEETSGDLQKAYLTLVRCAQDCEDYFAERLYKSMKGAGTDEETLIRIIVTRAEVDLQGIKAKFQEKYQK
SLSDMVRSDTSGDFRKLLVALLH
;
_entity_poly.pdbx_strand_id   A,B,C
#
loop_
_chem_comp.id
_chem_comp.type
_chem_comp.name
_chem_comp.formula
EDO non-polymer 1,2-ETHANEDIOL 'C2 H6 O2'
#
# COMPACT_ATOMS: atom_id res chain seq x y z
N GLY A 40 34.94 -8.72 2.76
CA GLY A 40 33.52 -8.99 2.62
C GLY A 40 32.69 -8.42 3.75
N PHE A 41 31.40 -8.74 3.77
CA PHE A 41 30.51 -8.24 4.81
C PHE A 41 30.80 -8.94 6.13
N ASP A 42 31.20 -8.17 7.13
CA ASP A 42 31.53 -8.69 8.46
C ASP A 42 30.48 -8.16 9.43
N VAL A 43 29.60 -9.05 9.90
CA VAL A 43 28.52 -8.62 10.79
C VAL A 43 29.06 -8.25 12.16
N ASP A 44 30.02 -9.02 12.68
CA ASP A 44 30.61 -8.71 13.97
C ASP A 44 31.38 -7.40 13.94
N ARG A 45 32.02 -7.09 12.81
CA ARG A 45 32.78 -5.85 12.71
C ARG A 45 31.86 -4.63 12.68
N ASP A 46 30.77 -4.71 11.90
CA ASP A 46 29.86 -3.57 11.80
C ASP A 46 29.10 -3.35 13.10
N ALA A 47 28.70 -4.43 13.77
CA ALA A 47 28.07 -4.28 15.08
C ALA A 47 29.05 -3.71 16.10
N LYS A 48 30.31 -4.14 16.04
CA LYS A 48 31.34 -3.58 16.91
C LYS A 48 31.57 -2.11 16.59
N LYS A 49 31.62 -1.77 15.30
CA LYS A 49 31.80 -0.37 14.91
C LYS A 49 30.60 0.47 15.32
N LEU A 50 29.39 -0.11 15.31
CA LEU A 50 28.20 0.62 15.73
C LEU A 50 28.20 0.87 17.24
N ASN A 51 28.57 -0.16 18.02
CA ASN A 51 28.65 0.03 19.46
C ASN A 51 29.69 1.07 19.82
N LYS A 52 30.78 1.17 19.04
CA LYS A 52 31.77 2.21 19.27
C LYS A 52 31.20 3.59 18.96
N ALA A 53 30.46 3.72 17.86
CA ALA A 53 29.87 5.00 17.50
C ALA A 53 28.74 5.39 18.46
N CYS A 54 28.02 4.40 18.99
CA CYS A 54 26.92 4.70 19.93
C CYS A 54 27.46 5.15 21.27
N LYS A 55 28.49 4.46 21.79
CA LYS A 55 29.09 4.90 23.04
C LYS A 55 29.76 6.27 22.89
N GLY A 56 30.30 6.56 21.70
CA GLY A 56 30.92 7.85 21.48
C GLY A 56 29.91 8.99 21.53
N MET A 57 28.72 8.77 20.95
CA MET A 57 27.70 9.81 20.99
C MET A 57 27.16 10.02 22.40
N GLY A 58 27.09 8.97 23.20
CA GLY A 58 26.71 9.14 24.60
C GLY A 58 27.73 9.95 25.37
N THR A 59 29.02 9.71 25.10
CA THR A 59 30.07 10.47 25.76
C THR A 59 30.07 11.92 25.29
N ASN A 60 30.00 12.14 23.98
CA ASN A 60 30.05 13.50 23.45
C ASN A 60 28.84 14.32 23.87
N GLU A 61 27.66 13.69 23.91
CA GLU A 61 26.48 14.42 24.38
C GLU A 61 26.57 14.74 25.86
N ALA A 62 27.13 13.81 26.65
CA ALA A 62 27.32 14.08 28.07
C ALA A 62 28.22 15.28 28.29
N ALA A 63 29.23 15.44 27.45
CA ALA A 63 30.13 16.60 27.55
C ALA A 63 29.40 17.89 27.20
N ILE A 64 28.54 17.85 26.17
CA ILE A 64 27.81 19.03 25.77
C ILE A 64 26.76 19.40 26.82
N ILE A 65 26.09 18.38 27.38
CA ILE A 65 25.06 18.65 28.38
C ILE A 65 25.69 19.19 29.67
N GLU A 66 26.87 18.69 30.03
CA GLU A 66 27.51 19.13 31.27
C GLU A 66 27.93 20.59 31.20
N ILE A 67 28.20 21.10 30.00
CA ILE A 67 28.60 22.50 29.84
C ILE A 67 27.39 23.41 29.68
N LEU A 68 26.42 23.01 28.85
CA LEU A 68 25.26 23.85 28.61
C LEU A 68 24.38 24.02 29.85
N SER A 69 24.49 23.10 30.81
CA SER A 69 23.73 23.18 32.05
C SER A 69 24.60 23.50 33.27
N GLY A 70 25.92 23.46 33.12
CA GLY A 70 26.82 23.76 34.22
C GLY A 70 27.42 25.14 34.22
N ARG A 71 27.11 25.95 33.21
CA ARG A 71 27.63 27.31 33.11
C ARG A 71 26.46 28.29 33.05
N THR A 72 26.69 29.48 33.59
CA THR A 72 25.67 30.53 33.55
C THR A 72 25.53 31.06 32.13
N SER A 73 24.49 31.86 31.91
CA SER A 73 24.25 32.42 30.57
C SER A 73 25.41 33.28 30.12
N ASP A 74 25.97 34.08 31.03
CA ASP A 74 27.12 34.91 30.68
C ASP A 74 28.36 34.06 30.40
N GLU A 75 28.51 32.94 31.12
CA GLU A 75 29.70 32.12 30.94
C GLU A 75 29.71 31.43 29.57
N ARG A 76 28.57 30.87 29.15
CA ARG A 76 28.52 30.24 27.83
C ARG A 76 28.42 31.26 26.70
N GLN A 77 28.11 32.52 27.01
CA GLN A 77 28.23 33.56 25.99
C GLN A 77 29.68 33.85 25.66
N GLN A 78 30.58 33.71 26.64
CA GLN A 78 32.00 33.84 26.36
C GLN A 78 32.52 32.63 25.61
N ILE A 79 32.00 31.44 25.92
CA ILE A 79 32.43 30.22 25.24
C ILE A 79 32.06 30.28 23.77
N LYS A 80 30.89 30.85 23.45
CA LYS A 80 30.47 30.93 22.06
C LYS A 80 31.38 31.84 21.26
N GLN A 81 31.83 32.95 21.86
CA GLN A 81 32.76 33.84 21.18
C GLN A 81 34.19 33.30 21.19
N LYS A 82 34.57 32.59 22.26
CA LYS A 82 35.89 31.98 22.31
C LYS A 82 36.00 30.84 21.30
N TYR A 83 34.90 30.11 21.08
CA TYR A 83 34.91 29.03 20.11
C TYR A 83 35.09 29.56 18.70
N LYS A 84 34.45 30.68 18.38
CA LYS A 84 34.57 31.26 17.05
C LYS A 84 35.98 31.77 16.78
N ALA A 85 36.66 32.27 17.82
CA ALA A 85 38.00 32.80 17.63
C ALA A 85 39.05 31.70 17.52
N THR A 86 38.87 30.60 18.26
CA THR A 86 39.89 29.56 18.30
C THR A 86 39.77 28.59 17.13
N TYR A 87 38.54 28.23 16.75
CA TYR A 87 38.31 27.20 15.75
C TYR A 87 37.66 27.73 14.47
N GLY A 88 37.33 29.02 14.41
CA GLY A 88 36.88 29.64 13.17
C GLY A 88 35.48 29.29 12.74
N LYS A 89 34.70 28.62 13.57
CA LYS A 89 33.32 28.27 13.24
C LYS A 89 32.41 28.68 14.38
N GLU A 90 31.25 29.23 14.03
CA GLU A 90 30.27 29.61 15.06
C GLU A 90 29.69 28.36 15.71
N LEU A 91 29.63 28.37 17.05
CA LEU A 91 29.22 27.18 17.79
C LEU A 91 27.78 26.79 17.45
N GLU A 92 26.90 27.77 17.26
CA GLU A 92 25.51 27.47 16.95
C GLU A 92 25.37 26.77 15.61
N GLU A 93 26.25 27.08 14.64
CA GLU A 93 26.18 26.42 13.36
C GLU A 93 26.76 25.01 13.42
N VAL A 94 27.76 24.78 14.26
CA VAL A 94 28.32 23.45 14.41
C VAL A 94 27.29 22.51 15.04
N LEU A 95 26.49 23.02 15.98
CA LEU A 95 25.51 22.18 16.65
C LEU A 95 24.32 21.87 15.74
N LYS A 96 23.96 22.80 14.85
CA LYS A 96 22.84 22.55 13.94
C LYS A 96 23.13 21.40 12.99
N SER A 97 24.40 21.18 12.67
CA SER A 97 24.78 20.13 11.73
C SER A 97 24.95 18.76 12.38
N GLU A 98 24.96 18.70 13.71
CA GLU A 98 25.15 17.44 14.42
C GLU A 98 24.05 17.12 15.41
N LEU A 99 23.44 18.12 16.03
CA LEU A 99 22.29 17.91 16.90
C LEU A 99 21.00 17.98 16.07
N SER A 100 19.92 17.49 16.67
CA SER A 100 18.63 17.47 15.99
C SER A 100 17.52 17.40 17.02
N GLY A 101 16.28 17.51 16.54
CA GLY A 101 15.13 17.38 17.41
C GLY A 101 15.05 18.48 18.45
N ASN A 102 14.43 18.16 19.59
CA ASN A 102 14.30 19.10 20.68
C ASN A 102 15.58 19.22 21.52
N PHE A 103 16.52 18.28 21.37
CA PHE A 103 17.82 18.46 21.98
C PHE A 103 18.56 19.64 21.35
N GLU A 104 18.50 19.75 20.02
CA GLU A 104 19.08 20.89 19.34
C GLU A 104 18.35 22.19 19.70
N LYS A 105 17.02 22.13 19.78
CA LYS A 105 16.25 23.33 20.12
C LYS A 105 16.62 23.85 21.49
N THR A 106 16.81 22.96 22.46
CA THR A 106 17.20 23.40 23.79
C THR A 106 18.65 23.90 23.79
N ALA A 107 19.53 23.22 23.05
CA ALA A 107 20.94 23.62 23.03
C ALA A 107 21.10 25.02 22.44
N LEU A 108 20.40 25.31 21.35
CA LEU A 108 20.49 26.64 20.76
C LEU A 108 19.76 27.68 21.61
N ALA A 109 18.74 27.27 22.35
CA ALA A 109 18.07 28.20 23.25
C ALA A 109 18.98 28.64 24.38
N LEU A 110 19.81 27.71 24.88
CA LEU A 110 20.75 28.04 25.95
C LEU A 110 21.90 28.92 25.47
N LEU A 111 22.17 28.94 24.17
CA LEU A 111 23.24 29.75 23.60
C LEU A 111 22.77 31.15 23.20
N ASP A 112 21.47 31.43 23.29
CA ASP A 112 20.95 32.75 23.04
C ASP A 112 20.73 33.48 24.36
N HIS A 113 20.78 34.81 24.32
CA HIS A 113 20.32 35.58 25.45
C HIS A 113 18.83 35.35 25.63
N PRO A 114 18.34 35.24 26.88
CA PRO A 114 16.91 34.97 27.08
C PRO A 114 15.99 36.00 26.44
N SER A 115 16.49 37.20 26.17
CA SER A 115 15.70 38.18 25.42
C SER A 115 15.56 37.76 23.96
N GLU A 116 16.63 37.27 23.36
CA GLU A 116 16.59 36.89 21.94
C GLU A 116 15.74 35.65 21.73
N TYR A 117 15.90 34.64 22.59
CA TYR A 117 15.11 33.42 22.46
C TYR A 117 13.62 33.69 22.69
N ALA A 118 13.30 34.63 23.58
CA ALA A 118 11.91 35.03 23.74
C ALA A 118 11.39 35.71 22.49
N ALA A 119 12.25 36.50 21.81
CA ALA A 119 11.84 37.14 20.58
C ALA A 119 11.62 36.11 19.47
N ARG A 120 12.45 35.06 19.44
CA ARG A 120 12.26 34.00 18.45
C ARG A 120 10.93 33.27 18.67
N GLN A 121 10.60 33.00 19.94
CA GLN A 121 9.34 32.32 20.23
C GLN A 121 8.14 33.16 19.82
N LEU A 122 8.24 34.48 19.93
CA LEU A 122 7.16 35.35 19.48
C LEU A 122 7.04 35.32 17.97
N GLN A 123 8.17 35.39 17.26
CA GLN A 123 8.15 35.40 15.80
C GLN A 123 7.64 34.08 15.24
N LYS A 124 7.91 32.97 15.92
CA LYS A 124 7.47 31.67 15.44
C LYS A 124 5.97 31.49 15.65
N ALA A 125 5.44 31.95 16.78
CA ALA A 125 4.03 31.78 17.10
C ALA A 125 3.13 32.82 16.43
N MET A 126 3.72 33.81 15.76
CA MET A 126 2.96 34.88 15.12
C MET A 126 2.75 34.51 13.66
N LYS A 127 1.52 34.13 13.30
CA LYS A 127 1.26 33.63 11.96
C LYS A 127 -0.21 33.68 11.59
N GLY A 128 -0.85 34.84 11.74
CA GLY A 128 -2.22 35.02 11.31
C GLY A 128 -3.02 35.84 12.32
N LEU A 129 -4.12 36.40 11.84
CA LEU A 129 -4.96 37.23 12.71
C LEU A 129 -5.66 36.40 13.78
N GLY A 130 -6.26 35.28 13.39
CA GLY A 130 -6.84 34.37 14.34
C GLY A 130 -5.79 33.56 15.08
N THR A 131 -5.62 32.30 14.67
CA THR A 131 -4.56 31.41 15.17
C THR A 131 -4.65 31.32 16.70
N ASP A 132 -3.49 31.20 17.35
CA ASP A 132 -3.40 31.09 18.80
C ASP A 132 -2.41 32.12 19.31
N GLU A 133 -2.70 32.69 20.47
CA GLU A 133 -1.90 33.76 21.06
C GLU A 133 -1.34 33.36 22.42
N SER A 134 -1.16 32.06 22.64
CA SER A 134 -0.70 31.59 23.95
C SER A 134 0.72 32.07 24.26
N VAL A 135 1.63 31.93 23.30
CA VAL A 135 3.01 32.33 23.53
C VAL A 135 3.12 33.85 23.66
N LEU A 136 2.30 34.58 22.90
CA LEU A 136 2.36 36.03 22.96
C LEU A 136 1.84 36.56 24.29
N ILE A 137 0.78 35.94 24.83
CA ILE A 137 0.23 36.38 26.11
C ILE A 137 1.16 36.00 27.25
N GLU A 138 1.73 34.78 27.19
CA GLU A 138 2.59 34.30 28.28
C GLU A 138 3.79 35.22 28.48
N VAL A 139 4.46 35.60 27.39
CA VAL A 139 5.70 36.38 27.51
C VAL A 139 5.39 37.81 27.93
N LEU A 140 4.45 38.46 27.26
CA LEU A 140 4.19 39.88 27.51
C LEU A 140 3.56 40.12 28.87
N CYS A 141 2.90 39.13 29.46
CA CYS A 141 2.21 39.30 30.74
C CYS A 141 3.01 38.76 31.92
N THR A 142 4.30 38.48 31.73
CA THR A 142 5.12 37.96 32.82
C THR A 142 6.50 38.61 32.90
N ARG A 143 6.85 39.54 32.02
CA ARG A 143 8.16 40.17 32.03
C ARG A 143 8.07 41.57 32.62
N THR A 144 9.16 41.98 33.26
CA THR A 144 9.26 43.33 33.81
C THR A 144 9.57 44.32 32.69
N ASN A 145 9.61 45.61 33.04
CA ASN A 145 9.89 46.65 32.05
C ASN A 145 11.27 46.44 31.42
N LYS A 146 12.27 46.11 32.25
CA LYS A 146 13.62 45.91 31.73
C LYS A 146 13.67 44.74 30.75
N GLU A 147 12.85 43.73 30.96
CA GLU A 147 12.87 42.56 30.09
C GLU A 147 12.03 42.76 28.83
N ILE A 148 10.95 43.54 28.92
CA ILE A 148 10.14 43.82 27.74
C ILE A 148 10.95 44.64 26.74
N ILE A 149 11.78 45.55 27.23
CA ILE A 149 12.60 46.38 26.35
C ILE A 149 13.64 45.52 25.64
N ALA A 150 14.32 44.64 26.40
CA ALA A 150 15.35 43.80 25.80
C ALA A 150 14.78 42.87 24.75
N ILE A 151 13.52 42.47 24.88
CA ILE A 151 12.87 41.66 23.86
C ILE A 151 12.55 42.52 22.63
N LYS A 152 12.05 43.73 22.85
CA LYS A 152 11.79 44.64 21.74
C LYS A 152 13.09 44.98 21.00
N GLU A 153 14.19 45.15 21.73
CA GLU A 153 15.47 45.43 21.09
C GLU A 153 15.96 44.22 20.31
N ALA A 154 15.91 43.03 20.92
CA ALA A 154 16.38 41.83 20.25
C ALA A 154 15.51 41.49 19.04
N TYR A 155 14.20 41.74 19.14
CA TYR A 155 13.31 41.48 18.02
C TYR A 155 13.63 42.37 16.83
N GLN A 156 14.04 43.62 17.09
CA GLN A 156 14.43 44.51 16.01
C GLN A 156 15.74 44.06 15.38
N ARG A 157 16.72 43.66 16.21
CA ARG A 157 18.02 43.25 15.72
C ARG A 157 17.94 41.94 14.94
N LEU A 158 17.03 41.04 15.34
CA LEU A 158 17.00 39.71 14.74
C LEU A 158 16.22 39.68 13.44
N PHE A 159 15.10 40.38 13.37
CA PHE A 159 14.19 40.27 12.23
C PHE A 159 14.00 41.57 11.46
N ASP A 160 14.76 42.63 11.81
CA ASP A 160 14.65 43.92 11.13
C ASP A 160 13.21 44.41 11.12
N ARG A 161 12.53 44.24 12.25
CA ARG A 161 11.11 44.56 12.35
C ARG A 161 10.81 45.07 13.75
N SER A 162 9.73 45.82 13.86
CA SER A 162 9.27 46.33 15.15
C SER A 162 8.31 45.30 15.77
N LEU A 163 8.66 44.83 16.96
CA LEU A 163 7.80 43.87 17.64
C LEU A 163 6.41 44.44 17.89
N GLU A 164 6.33 45.73 18.22
CA GLU A 164 5.04 46.38 18.39
C GLU A 164 4.25 46.39 17.07
N SER A 165 4.95 46.57 15.95
CA SER A 165 4.28 46.58 14.65
C SER A 165 3.74 45.20 14.29
N ASP A 166 4.52 44.15 14.56
CA ASP A 166 4.06 42.79 14.25
C ASP A 166 2.91 42.37 15.14
N VAL A 167 2.86 42.88 16.39
CA VAL A 167 1.76 42.54 17.28
C VAL A 167 0.46 43.16 16.77
N LYS A 168 0.52 44.40 16.30
CA LYS A 168 -0.69 45.07 15.83
C LYS A 168 -1.29 44.39 14.61
N GLY A 169 -0.47 43.71 13.82
CA GLY A 169 -0.95 43.03 12.63
C GLY A 169 -1.50 41.64 12.92
N ASP A 170 -1.04 41.02 14.00
CA ASP A 170 -1.45 39.67 14.36
C ASP A 170 -2.63 39.65 15.33
N THR A 171 -2.71 40.64 16.22
CA THR A 171 -3.71 40.66 17.27
C THR A 171 -5.00 41.32 16.77
N SER A 172 -6.00 41.37 17.64
CA SER A 172 -7.30 41.94 17.29
C SER A 172 -8.04 42.33 18.57
N GLY A 173 -9.02 43.21 18.41
CA GLY A 173 -9.86 43.63 19.49
C GLY A 173 -9.09 44.34 20.59
N ASN A 174 -9.56 44.15 21.84
CA ASN A 174 -8.90 44.73 22.99
C ASN A 174 -7.67 43.94 23.42
N LEU A 175 -7.54 42.70 22.97
CA LEU A 175 -6.30 41.96 23.19
C LEU A 175 -5.12 42.67 22.54
N LYS A 176 -5.34 43.26 21.36
CA LYS A 176 -4.32 44.08 20.73
C LYS A 176 -3.97 45.29 21.60
N LYS A 177 -4.99 45.90 22.21
CA LYS A 177 -4.76 47.15 22.95
C LYS A 177 -4.01 46.89 24.25
N ILE A 178 -4.20 45.73 24.87
CA ILE A 178 -3.52 45.45 26.15
C ILE A 178 -2.09 44.98 25.90
N LEU A 179 -1.88 44.19 24.84
CA LEU A 179 -0.54 43.70 24.55
C LEU A 179 0.38 44.82 24.10
N VAL A 180 -0.16 45.76 23.30
CA VAL A 180 0.61 46.95 22.93
C VAL A 180 0.89 47.79 24.17
N SER A 181 -0.09 47.87 25.08
CA SER A 181 0.11 48.63 26.32
C SER A 181 1.22 48.03 27.17
N LEU A 182 1.37 46.70 27.15
CA LEU A 182 2.46 46.07 27.88
C LEU A 182 3.80 46.30 27.18
N LEU A 183 3.80 46.40 25.85
CA LEU A 183 5.03 46.65 25.11
C LEU A 183 5.60 48.03 25.38
N GLN A 184 4.81 48.95 25.94
CA GLN A 184 5.32 50.26 26.30
C GLN A 184 6.35 50.19 27.42
N ALA A 185 6.33 49.12 28.22
CA ALA A 185 7.29 48.92 29.30
C ALA A 185 7.31 50.10 30.27
N ASN A 186 6.12 50.64 30.56
CA ASN A 186 5.96 51.79 31.44
C ASN A 186 5.11 51.45 32.67
N ARG A 187 5.12 50.19 33.08
CA ARG A 187 4.39 49.80 34.28
C ARG A 187 5.07 50.36 35.53
N ASN A 188 4.26 50.84 36.47
CA ASN A 188 4.79 51.31 37.74
C ASN A 188 5.51 50.17 38.45
N GLU A 189 6.79 50.38 38.77
CA GLU A 189 7.60 49.37 39.43
C GLU A 189 8.16 49.88 40.76
N GLY A 190 7.46 50.82 41.39
CA GLY A 190 7.85 51.29 42.70
C GLY A 190 7.49 50.31 43.79
N ASP A 191 8.05 50.54 44.99
CA ASP A 191 7.78 49.68 46.13
C ASP A 191 6.62 50.17 46.99
N ASP A 192 6.26 51.44 46.87
CA ASP A 192 5.15 51.98 47.66
C ASP A 192 3.82 51.38 47.20
N VAL A 193 2.90 51.23 48.15
CA VAL A 193 1.58 50.68 47.87
C VAL A 193 0.55 51.69 48.36
N ASP A 194 -0.23 52.24 47.42
CA ASP A 194 -1.29 53.19 47.74
C ASP A 194 -2.54 52.41 48.11
N LYS A 195 -2.86 52.39 49.41
CA LYS A 195 -4.04 51.67 49.85
C LYS A 195 -5.34 52.37 49.44
N ASP A 196 -5.30 53.69 49.28
CA ASP A 196 -6.45 54.40 48.75
C ASP A 196 -6.69 54.05 47.29
N LEU A 197 -5.61 53.93 46.51
CA LEU A 197 -5.74 53.59 45.11
C LEU A 197 -6.12 52.13 44.92
N ALA A 198 -5.59 51.24 45.78
CA ALA A 198 -5.95 49.83 45.71
C ALA A 198 -7.44 49.65 45.94
N GLY A 199 -8.01 50.37 46.90
CA GLY A 199 -9.44 50.28 47.14
C GLY A 199 -10.26 50.94 46.04
N GLN A 200 -9.73 52.03 45.47
CA GLN A 200 -10.46 52.72 44.41
C GLN A 200 -10.42 51.94 43.11
N ASP A 201 -9.25 51.39 42.75
CA ASP A 201 -9.16 50.55 41.56
C ASP A 201 -10.04 49.31 41.70
N ALA A 202 -10.19 48.80 42.92
CA ALA A 202 -11.08 47.66 43.14
C ALA A 202 -12.53 48.03 42.83
N LYS A 203 -12.96 49.22 43.25
CA LYS A 203 -14.30 49.68 42.91
C LYS A 203 -14.43 49.91 41.41
N ASP A 204 -13.38 50.42 40.76
CA ASP A 204 -13.42 50.65 39.33
C ASP A 204 -13.50 49.33 38.56
N LEU A 205 -12.74 48.31 38.99
CA LEU A 205 -12.78 47.03 38.31
C LEU A 205 -14.12 46.34 38.47
N TYR A 206 -14.84 46.62 39.57
CA TYR A 206 -16.17 46.06 39.73
C TYR A 206 -17.22 46.83 38.92
N ASP A 207 -17.10 48.16 38.86
CA ASP A 207 -18.03 48.95 38.06
C ASP A 207 -17.81 48.74 36.57
N ALA A 208 -16.58 48.37 36.17
CA ALA A 208 -16.28 48.10 34.78
C ALA A 208 -16.79 46.74 34.31
N GLY A 209 -17.30 45.92 35.22
CA GLY A 209 -17.79 44.61 34.85
C GLY A 209 -19.27 44.45 35.15
N GLU A 210 -19.81 45.36 35.95
CA GLU A 210 -21.22 45.33 36.32
C GLU A 210 -22.08 46.22 35.43
N GLY A 211 -21.47 47.03 34.56
CA GLY A 211 -22.23 47.85 33.63
C GLY A 211 -23.11 47.04 32.71
N ARG A 212 -24.42 47.27 32.78
CA ARG A 212 -25.37 46.52 31.96
C ARG A 212 -25.21 46.79 30.47
N TRP A 213 -24.58 47.92 30.10
CA TRP A 213 -24.34 48.20 28.69
C TRP A 213 -23.28 47.27 28.12
N GLY A 214 -22.13 47.17 28.78
CA GLY A 214 -21.07 46.29 28.34
C GLY A 214 -19.85 46.37 29.25
N THR A 215 -19.14 45.25 29.39
CA THR A 215 -17.97 45.20 30.26
C THR A 215 -16.89 46.15 29.78
N ASP A 216 -16.60 47.18 30.59
CA ASP A 216 -15.59 48.17 30.22
C ASP A 216 -14.21 47.53 30.25
N GLU A 217 -13.77 46.98 29.12
CA GLU A 217 -12.48 46.32 29.05
C GLU A 217 -11.31 47.29 29.06
N LEU A 218 -11.58 48.57 28.78
CA LEU A 218 -10.51 49.58 28.82
C LEU A 218 -10.06 49.86 30.25
N ALA A 219 -10.93 49.64 31.23
CA ALA A 219 -10.57 49.87 32.62
C ALA A 219 -9.70 48.74 33.17
N PHE A 220 -10.01 47.50 32.83
CA PHE A 220 -9.16 46.38 33.22
C PHE A 220 -7.78 46.48 32.57
N ASN A 221 -7.72 47.00 31.34
CA ASN A 221 -6.43 47.19 30.70
C ASN A 221 -5.59 48.25 31.40
N GLU A 222 -6.24 49.18 32.10
CA GLU A 222 -5.52 50.25 32.78
C GLU A 222 -4.87 49.75 34.06
N VAL A 223 -5.66 49.06 34.91
CA VAL A 223 -5.16 48.66 36.22
C VAL A 223 -4.16 47.51 36.11
N LEU A 224 -4.53 46.47 35.36
CA LEU A 224 -3.72 45.26 35.33
C LEU A 224 -2.38 45.45 34.63
N ALA A 225 -2.23 46.52 33.84
CA ALA A 225 -1.02 46.76 33.07
C ALA A 225 -0.11 47.84 33.63
N LYS A 226 -0.66 48.84 34.33
CA LYS A 226 0.13 49.98 34.77
C LYS A 226 0.40 50.01 36.26
N ARG A 227 -0.35 49.27 37.07
CA ARG A 227 -0.08 49.21 38.50
C ARG A 227 1.04 48.20 38.79
N SER A 228 1.68 48.38 39.93
CA SER A 228 2.76 47.48 40.33
C SER A 228 2.19 46.11 40.73
N TYR A 229 3.07 45.11 40.69
CA TYR A 229 2.68 43.79 41.16
C TYR A 229 2.30 43.81 42.63
N LYS A 230 3.13 44.44 43.46
CA LYS A 230 2.79 44.59 44.87
C LYS A 230 1.57 45.48 45.05
N GLN A 231 1.36 46.45 44.16
CA GLN A 231 0.17 47.28 44.21
C GLN A 231 -1.07 46.49 43.79
N LEU A 232 -0.92 45.59 42.83
CA LEU A 232 -2.05 44.79 42.37
C LEU A 232 -2.51 43.79 43.42
N ARG A 233 -1.59 43.26 44.22
CA ARG A 233 -1.98 42.34 45.29
C ARG A 233 -2.92 43.01 46.27
N ALA A 234 -2.60 44.26 46.66
CA ALA A 234 -3.48 45.01 47.53
C ALA A 234 -4.81 45.31 46.85
N THR A 235 -4.79 45.54 45.54
CA THR A 235 -6.04 45.76 44.80
C THR A 235 -6.89 44.51 44.79
N PHE A 236 -6.26 43.33 44.71
CA PHE A 236 -7.02 42.08 44.69
C PHE A 236 -7.59 41.77 46.07
N GLN A 237 -6.82 42.01 47.13
CA GLN A 237 -7.32 41.80 48.48
C GLN A 237 -8.49 42.71 48.79
N ALA A 238 -8.43 43.96 48.32
CA ALA A 238 -9.52 44.89 48.54
C ALA A 238 -10.77 44.47 47.77
N TYR A 239 -10.60 43.97 46.55
CA TYR A 239 -11.74 43.52 45.76
C TYR A 239 -12.46 42.37 46.44
N GLN A 240 -11.69 41.45 47.06
CA GLN A 240 -12.31 40.33 47.77
C GLN A 240 -13.15 40.82 48.95
N ILE A 241 -12.61 41.77 49.72
CA ILE A 241 -13.32 42.28 50.88
C ILE A 241 -14.56 43.06 50.45
N LEU A 242 -14.46 43.83 49.37
CA LEU A 242 -15.57 44.70 48.97
C LEU A 242 -16.69 43.91 48.31
N ILE A 243 -16.34 43.00 47.39
CA ILE A 243 -17.32 42.35 46.53
C ILE A 243 -17.74 40.99 47.09
N GLY A 244 -16.79 40.23 47.62
CA GLY A 244 -17.04 38.88 48.05
C GLY A 244 -16.54 37.81 47.08
N LYS A 245 -16.31 38.18 45.83
CA LYS A 245 -15.72 37.30 44.83
C LYS A 245 -14.23 37.57 44.71
N ASP A 246 -13.49 36.55 44.30
CA ASP A 246 -12.10 36.76 43.92
C ASP A 246 -12.04 37.48 42.57
N ILE A 247 -10.94 38.18 42.33
CA ILE A 247 -10.82 38.93 41.08
C ILE A 247 -10.79 37.99 39.88
N GLU A 248 -10.31 36.75 40.07
CA GLU A 248 -10.29 35.80 38.97
C GLU A 248 -11.71 35.31 38.65
N GLU A 249 -12.53 35.11 39.67
CA GLU A 249 -13.93 34.73 39.43
C GLU A 249 -14.68 35.83 38.69
N ALA A 250 -14.31 37.08 38.92
CA ALA A 250 -14.95 38.18 38.20
C ALA A 250 -14.51 38.22 36.74
N ILE A 251 -13.27 37.84 36.46
CA ILE A 251 -12.76 37.88 35.09
C ILE A 251 -13.36 36.74 34.26
N GLU A 252 -13.52 35.56 34.87
CA GLU A 252 -13.99 34.39 34.13
C GLU A 252 -15.42 34.53 33.67
N GLU A 253 -16.21 35.42 34.27
CA GLU A 253 -17.62 35.59 33.93
C GLU A 253 -17.92 36.94 33.32
N GLU A 254 -16.89 37.74 33.00
CA GLU A 254 -17.09 39.04 32.39
C GLU A 254 -16.21 39.29 31.17
N THR A 255 -15.27 38.39 30.87
CA THR A 255 -14.46 38.44 29.66
C THR A 255 -14.45 37.05 29.03
N SER A 256 -13.99 36.98 27.78
CA SER A 256 -14.03 35.73 27.03
C SER A 256 -12.79 35.61 26.15
N GLY A 257 -12.51 34.38 25.74
CA GLY A 257 -11.47 34.13 24.77
C GLY A 257 -10.08 34.44 25.30
N ASP A 258 -9.21 34.92 24.40
CA ASP A 258 -7.85 35.25 24.75
C ASP A 258 -7.75 36.50 25.63
N LEU A 259 -8.75 37.38 25.58
CA LEU A 259 -8.75 38.54 26.46
C LEU A 259 -8.85 38.11 27.91
N GLN A 260 -9.66 37.09 28.19
CA GLN A 260 -9.71 36.52 29.54
C GLN A 260 -8.36 35.91 29.92
N LYS A 261 -7.74 35.16 29.00
CA LYS A 261 -6.46 34.54 29.30
C LYS A 261 -5.38 35.59 29.58
N ALA A 262 -5.44 36.73 28.89
CA ALA A 262 -4.50 37.81 29.16
C ALA A 262 -4.70 38.40 30.55
N TYR A 263 -5.96 38.57 30.95
CA TYR A 263 -6.25 39.12 32.27
C TYR A 263 -5.83 38.16 33.37
N LEU A 264 -6.24 36.90 33.28
CA LEU A 264 -5.90 35.91 34.30
C LEU A 264 -4.40 35.70 34.39
N THR A 265 -3.68 35.83 33.27
CA THR A 265 -2.23 35.72 33.32
C THR A 265 -1.61 36.90 34.04
N LEU A 266 -2.14 38.10 33.80
CA LEU A 266 -1.65 39.29 34.51
C LEU A 266 -1.92 39.19 36.00
N VAL A 267 -3.10 38.68 36.37
CA VAL A 267 -3.45 38.55 37.79
C VAL A 267 -2.57 37.52 38.47
N ARG A 268 -2.39 36.35 37.83
CA ARG A 268 -1.68 35.26 38.47
C ARG A 268 -0.19 35.53 38.59
N CYS A 269 0.40 36.22 37.62
CA CYS A 269 1.83 36.55 37.74
C CYS A 269 2.05 37.66 38.76
N ALA A 270 1.14 38.63 38.83
CA ALA A 270 1.22 39.65 39.86
C ALA A 270 1.00 39.05 41.25
N GLN A 271 0.16 38.01 41.35
CA GLN A 271 -0.09 37.37 42.64
C GLN A 271 1.03 36.40 42.99
N ASP A 272 1.35 35.48 42.08
CA ASP A 272 2.36 34.46 42.34
C ASP A 272 2.83 33.93 40.97
N CYS A 273 3.87 34.57 40.43
CA CYS A 273 4.34 34.21 39.10
C CYS A 273 5.08 32.88 39.10
N GLU A 274 5.69 32.50 40.22
CA GLU A 274 6.30 31.18 40.32
C GLU A 274 5.26 30.07 40.29
N ASP A 275 4.06 30.33 40.82
CA ASP A 275 2.97 29.36 40.75
C ASP A 275 2.35 29.30 39.36
N TYR A 276 2.36 30.42 38.64
CA TYR A 276 1.82 30.42 37.28
C TYR A 276 2.64 29.52 36.36
N PHE A 277 3.96 29.71 36.33
CA PHE A 277 4.81 28.86 35.52
C PHE A 277 4.85 27.42 36.02
N ALA A 278 4.55 27.19 37.30
CA ALA A 278 4.45 25.83 37.80
C ALA A 278 3.27 25.10 37.17
N GLU A 279 2.14 25.79 37.00
CA GLU A 279 0.98 25.17 36.36
C GLU A 279 1.20 25.01 34.86
N ARG A 280 1.71 26.06 34.20
CA ARG A 280 1.95 25.96 32.77
C ARG A 280 2.94 24.86 32.44
N LEU A 281 3.92 24.62 33.31
CA LEU A 281 4.81 23.48 33.10
C LEU A 281 4.08 22.16 33.31
N TYR A 282 3.18 22.11 34.30
CA TYR A 282 2.46 20.88 34.59
C TYR A 282 1.52 20.52 33.44
N LYS A 283 0.66 21.45 33.04
CA LYS A 283 -0.33 21.17 32.01
C LYS A 283 0.29 20.92 30.64
N SER A 284 1.50 21.44 30.39
CA SER A 284 2.16 21.19 29.11
C SER A 284 2.67 19.76 28.99
N MET A 285 2.57 18.96 30.05
CA MET A 285 3.06 17.59 30.04
C MET A 285 1.97 16.55 30.28
N LYS A 286 0.83 16.93 30.85
CA LYS A 286 -0.27 16.00 31.04
C LYS A 286 -0.84 15.55 29.71
N GLY A 287 -0.33 14.45 29.19
CA GLY A 287 -0.76 13.91 27.92
C GLY A 287 0.38 13.22 27.22
N ALA A 288 0.02 12.30 26.32
CA ALA A 288 1.03 11.58 25.54
C ALA A 288 1.69 12.46 24.49
N GLY A 289 1.04 13.55 24.10
CA GLY A 289 1.62 14.47 23.14
C GLY A 289 2.71 15.32 23.75
N THR A 290 2.41 15.95 24.89
CA THR A 290 3.35 16.76 25.67
C THR A 290 3.87 17.95 24.87
N ASP A 291 3.37 19.15 25.16
CA ASP A 291 3.85 20.36 24.52
C ASP A 291 5.28 20.66 24.99
N GLU A 292 6.26 20.14 24.26
CA GLU A 292 7.66 20.29 24.66
C GLU A 292 8.21 21.68 24.35
N GLU A 293 7.61 22.42 23.43
CA GLU A 293 8.06 23.78 23.14
C GLU A 293 7.85 24.68 24.35
N THR A 294 6.66 24.61 24.97
CA THR A 294 6.42 25.38 26.18
C THR A 294 7.36 24.96 27.30
N LEU A 295 7.66 23.67 27.39
CA LEU A 295 8.57 23.17 28.42
C LEU A 295 9.95 23.79 28.29
N ILE A 296 10.45 23.92 27.05
CA ILE A 296 11.78 24.49 26.84
C ILE A 296 11.75 26.00 27.10
N ARG A 297 10.72 26.67 26.59
CA ARG A 297 10.68 28.13 26.67
C ARG A 297 10.65 28.60 28.11
N ILE A 298 9.96 27.87 29.00
CA ILE A 298 9.85 28.30 30.39
C ILE A 298 11.16 28.06 31.13
N ILE A 299 11.72 26.86 31.00
CA ILE A 299 12.95 26.52 31.73
C ILE A 299 14.11 27.39 31.28
N VAL A 300 14.15 27.76 29.99
CA VAL A 300 15.27 28.53 29.48
C VAL A 300 15.15 30.01 29.84
N THR A 301 14.01 30.63 29.53
CA THR A 301 13.85 32.06 29.74
C THR A 301 13.78 32.44 31.21
N ARG A 302 13.46 31.49 32.09
CA ARG A 302 13.35 31.75 33.52
C ARG A 302 14.46 31.11 34.33
N ALA A 303 15.51 30.61 33.67
CA ALA A 303 16.55 29.87 34.36
C ALA A 303 17.26 30.74 35.39
N GLU A 304 17.73 31.92 34.99
CA GLU A 304 18.42 32.83 35.88
C GLU A 304 17.51 33.93 36.42
N VAL A 305 16.19 33.72 36.34
CA VAL A 305 15.22 34.68 36.86
C VAL A 305 14.55 34.15 38.12
N ASP A 306 13.83 33.04 38.02
CA ASP A 306 13.13 32.49 39.18
C ASP A 306 12.84 31.00 39.02
N LEU A 307 13.69 30.30 38.25
CA LEU A 307 13.46 28.88 38.02
C LEU A 307 13.51 28.09 39.31
N GLN A 308 14.42 28.43 40.22
CA GLN A 308 14.48 27.75 41.51
C GLN A 308 13.21 27.97 42.32
N GLY A 309 12.60 29.16 42.20
CA GLY A 309 11.31 29.38 42.83
C GLY A 309 10.19 28.61 42.14
N ILE A 310 10.30 28.42 40.83
CA ILE A 310 9.33 27.61 40.10
C ILE A 310 9.41 26.15 40.53
N LYS A 311 10.63 25.62 40.67
CA LYS A 311 10.80 24.23 41.08
C LYS A 311 10.21 24.01 42.48
N ALA A 312 10.39 24.98 43.37
CA ALA A 312 9.88 24.84 44.74
C ALA A 312 8.36 24.87 44.77
N LYS A 313 7.76 25.84 44.07
CA LYS A 313 6.30 25.92 44.01
C LYS A 313 5.70 24.70 43.30
N PHE A 314 6.43 24.12 42.35
CA PHE A 314 5.95 22.93 41.67
C PHE A 314 5.88 21.74 42.63
N GLN A 315 6.89 21.59 43.48
CA GLN A 315 6.90 20.50 44.45
C GLN A 315 5.74 20.62 45.42
N GLU A 316 5.49 21.82 45.94
CA GLU A 316 4.40 22.02 46.87
C GLU A 316 3.04 21.88 46.19
N LYS A 317 2.96 22.23 44.90
CA LYS A 317 1.66 22.26 44.22
C LYS A 317 1.22 20.88 43.75
N TYR A 318 2.17 19.97 43.49
CA TYR A 318 1.84 18.69 42.89
C TYR A 318 2.46 17.50 43.61
N GLN A 319 3.13 17.72 44.74
CA GLN A 319 3.70 16.66 45.59
C GLN A 319 4.77 15.84 44.88
N LYS A 320 5.28 16.31 43.73
CA LYS A 320 6.34 15.62 43.02
C LYS A 320 7.22 16.65 42.33
N SER A 321 8.52 16.38 42.32
CA SER A 321 9.48 17.33 41.77
C SER A 321 9.30 17.47 40.26
N LEU A 322 9.66 18.66 39.76
CA LEU A 322 9.63 18.88 38.32
C LEU A 322 10.62 17.98 37.60
N SER A 323 11.75 17.66 38.25
CA SER A 323 12.74 16.77 37.65
C SER A 323 12.19 15.36 37.45
N ASP A 324 11.31 14.91 38.34
CA ASP A 324 10.73 13.57 38.20
C ASP A 324 9.69 13.54 37.09
N MET A 325 8.85 14.57 37.00
CA MET A 325 7.80 14.57 35.98
C MET A 325 8.39 14.74 34.59
N VAL A 326 9.47 15.52 34.46
CA VAL A 326 10.18 15.61 33.18
C VAL A 326 10.79 14.26 32.84
N ARG A 327 11.30 13.55 33.84
CA ARG A 327 11.92 12.25 33.62
C ARG A 327 10.92 11.20 33.15
N SER A 328 9.62 11.43 33.35
CA SER A 328 8.59 10.48 32.97
C SER A 328 7.77 10.90 31.76
N ASP A 329 7.93 12.14 31.28
CA ASP A 329 7.17 12.62 30.14
C ASP A 329 8.05 13.05 28.97
N THR A 330 9.37 12.86 29.07
CA THR A 330 10.29 13.06 27.96
C THR A 330 11.23 11.87 27.89
N SER A 331 12.05 11.82 26.83
CA SER A 331 12.96 10.71 26.64
C SER A 331 14.16 11.16 25.81
N GLY A 332 15.20 10.32 25.82
CA GLY A 332 16.36 10.55 25.00
C GLY A 332 17.31 11.59 25.59
N ASP A 333 18.21 12.07 24.74
CA ASP A 333 19.15 13.10 25.14
C ASP A 333 18.46 14.41 25.49
N PHE A 334 17.26 14.64 24.96
CA PHE A 334 16.46 15.80 25.36
C PHE A 334 16.08 15.72 26.83
N ARG A 335 15.84 14.51 27.35
CA ARG A 335 15.50 14.37 28.75
C ARG A 335 16.71 14.64 29.65
N LYS A 336 17.89 14.15 29.25
CA LYS A 336 19.09 14.37 30.05
C LYS A 336 19.42 15.86 30.16
N LEU A 337 19.26 16.60 29.07
CA LEU A 337 19.57 18.02 29.09
C LEU A 337 18.59 18.80 29.96
N LEU A 338 17.32 18.38 29.96
CA LEU A 338 16.34 19.03 30.83
C LEU A 338 16.61 18.71 32.30
N VAL A 339 16.85 17.42 32.60
CA VAL A 339 17.15 17.02 33.97
C VAL A 339 18.39 17.76 34.49
N ALA A 340 19.38 17.93 33.62
CA ALA A 340 20.59 18.66 34.02
C ALA A 340 20.30 20.13 34.27
N LEU A 341 19.37 20.73 33.52
CA LEU A 341 19.00 22.12 33.73
C LEU A 341 18.22 22.32 35.03
N LEU A 342 17.66 21.26 35.58
CA LEU A 342 16.91 21.34 36.83
C LEU A 342 17.75 20.99 38.05
N HIS A 343 18.94 20.42 37.85
CA HIS A 343 19.88 20.10 38.95
C HIS A 343 19.24 19.26 40.04
N GLN B 39 35.21 26.56 41.11
CA GLN B 39 36.60 26.60 41.57
C GLN B 39 37.47 27.34 40.57
N GLY B 40 36.85 27.85 39.52
CA GLY B 40 37.57 28.59 38.49
C GLY B 40 37.00 28.38 37.10
N PHE B 41 36.34 29.40 36.56
CA PHE B 41 35.76 29.33 35.23
C PHE B 41 36.86 29.49 34.19
N ASP B 42 37.14 28.43 33.45
CA ASP B 42 38.14 28.43 32.39
C ASP B 42 37.39 28.37 31.05
N VAL B 43 37.27 29.54 30.41
CA VAL B 43 36.56 29.59 29.12
C VAL B 43 37.30 28.80 28.06
N ASP B 44 38.63 28.76 28.14
CA ASP B 44 39.39 27.99 27.16
C ASP B 44 39.19 26.48 27.34
N ARG B 45 39.03 26.03 28.59
CA ARG B 45 38.79 24.62 28.84
C ARG B 45 37.44 24.18 28.29
N ASP B 46 36.39 24.94 28.60
CA ASP B 46 35.04 24.56 28.18
C ASP B 46 34.89 24.61 26.67
N ALA B 47 35.45 25.64 26.02
CA ALA B 47 35.37 25.73 24.57
C ALA B 47 36.22 24.68 23.88
N LYS B 48 37.16 24.08 24.60
CA LYS B 48 38.01 23.04 24.00
C LYS B 48 37.31 21.69 23.98
N LYS B 49 36.75 21.28 25.12
CA LYS B 49 36.04 20.00 25.17
C LYS B 49 34.72 20.05 24.41
N LEU B 50 34.14 21.24 24.22
CA LEU B 50 33.04 21.37 23.28
C LEU B 50 33.49 21.05 21.86
N ASN B 51 34.65 21.59 21.47
CA ASN B 51 35.21 21.27 20.16
C ASN B 51 35.51 19.78 20.03
N LYS B 52 36.09 19.19 21.08
CA LYS B 52 36.37 17.76 21.06
C LYS B 52 35.07 16.95 20.97
N ALA B 53 34.05 17.35 21.71
CA ALA B 53 32.78 16.62 21.68
C ALA B 53 32.09 16.79 20.32
N CYS B 54 32.09 18.01 19.78
CA CYS B 54 31.43 18.25 18.49
C CYS B 54 32.09 17.45 17.38
N LYS B 55 33.42 17.50 17.29
CA LYS B 55 34.10 16.73 16.26
C LYS B 55 34.00 15.23 16.51
N GLY B 56 33.67 14.82 17.74
CA GLY B 56 33.38 13.43 18.01
C GLY B 56 31.99 13.04 17.52
N MET B 57 31.04 13.97 17.63
CA MET B 57 29.70 13.74 17.10
C MET B 57 29.77 13.46 15.60
N GLY B 58 30.52 14.28 14.86
CA GLY B 58 30.61 14.09 13.42
C GLY B 58 31.26 12.76 13.05
N THR B 59 32.25 12.33 13.83
CA THR B 59 32.93 11.07 13.55
C THR B 59 32.01 9.88 13.79
N ASN B 60 31.28 9.89 14.90
CA ASN B 60 30.38 8.79 15.21
C ASN B 60 29.22 8.74 14.23
N GLU B 61 28.61 9.89 13.95
CA GLU B 61 27.51 9.93 13.00
C GLU B 61 27.97 9.48 11.62
N ALA B 62 29.21 9.81 11.24
CA ALA B 62 29.75 9.32 9.98
C ALA B 62 29.83 7.80 9.97
N ALA B 63 30.21 7.20 11.11
CA ALA B 63 30.24 5.75 11.20
C ALA B 63 28.84 5.15 11.14
N ILE B 64 27.87 5.79 11.81
CA ILE B 64 26.50 5.33 11.78
C ILE B 64 25.95 5.44 10.35
N ILE B 65 26.16 6.60 9.72
CA ILE B 65 25.70 6.80 8.35
C ILE B 65 26.36 5.80 7.41
N GLU B 66 27.65 5.51 7.66
CA GLU B 66 28.36 4.54 6.82
C GLU B 66 27.72 3.16 6.90
N ILE B 67 27.36 2.72 8.11
CA ILE B 67 26.80 1.39 8.28
C ILE B 67 25.38 1.31 7.72
N LEU B 68 24.55 2.31 8.06
CA LEU B 68 23.14 2.26 7.65
C LEU B 68 22.98 2.39 6.14
N SER B 69 23.82 3.20 5.50
CA SER B 69 23.72 3.43 4.06
C SER B 69 24.60 2.50 3.23
N GLY B 70 25.49 1.73 3.86
CA GLY B 70 26.38 0.84 3.15
C GLY B 70 25.99 -0.61 3.18
N ARG B 71 24.92 -0.97 3.87
CA ARG B 71 24.50 -2.35 4.01
C ARG B 71 23.07 -2.52 3.49
N THR B 72 22.78 -3.72 2.98
CA THR B 72 21.44 -4.03 2.54
C THR B 72 20.52 -4.21 3.73
N SER B 73 19.22 -4.35 3.45
CA SER B 73 18.24 -4.54 4.52
C SER B 73 18.50 -5.84 5.28
N ASP B 74 18.82 -6.91 4.56
CA ASP B 74 19.10 -8.18 5.22
C ASP B 74 20.38 -8.11 6.05
N GLU B 75 21.39 -7.41 5.54
CA GLU B 75 22.61 -7.23 6.32
C GLU B 75 22.35 -6.37 7.55
N ARG B 76 21.51 -5.35 7.42
CA ARG B 76 21.16 -4.52 8.57
C ARG B 76 20.38 -5.33 9.62
N GLN B 77 19.58 -6.29 9.18
CA GLN B 77 18.88 -7.15 10.13
C GLN B 77 19.84 -8.07 10.87
N GLN B 78 20.85 -8.59 10.16
CA GLN B 78 21.86 -9.41 10.82
C GLN B 78 22.66 -8.59 11.82
N ILE B 79 23.00 -7.35 11.47
CA ILE B 79 23.73 -6.48 12.39
C ILE B 79 22.89 -6.18 13.61
N LYS B 80 21.60 -5.91 13.41
CA LYS B 80 20.73 -5.56 14.53
C LYS B 80 20.55 -6.74 15.48
N GLN B 81 20.50 -7.96 14.95
CA GLN B 81 20.39 -9.13 15.81
C GLN B 81 21.71 -9.42 16.51
N LYS B 82 22.83 -9.29 15.80
CA LYS B 82 24.13 -9.52 16.42
C LYS B 82 24.43 -8.49 17.49
N TYR B 83 23.94 -7.25 17.32
CA TYR B 83 24.20 -6.21 18.30
C TYR B 83 23.55 -6.53 19.64
N LYS B 84 22.30 -7.00 19.62
CA LYS B 84 21.60 -7.28 20.87
C LYS B 84 22.16 -8.54 21.54
N ALA B 85 22.69 -9.47 20.75
CA ALA B 85 23.28 -10.68 21.34
C ALA B 85 24.62 -10.37 22.01
N THR B 86 25.44 -9.55 21.36
CA THR B 86 26.78 -9.27 21.88
C THR B 86 26.76 -8.24 22.99
N TYR B 87 25.94 -7.20 22.86
CA TYR B 87 25.97 -6.07 23.77
C TYR B 87 24.72 -5.96 24.65
N GLY B 88 23.80 -6.91 24.54
CA GLY B 88 22.68 -7.00 25.48
C GLY B 88 21.67 -5.87 25.44
N LYS B 89 21.66 -5.08 24.36
CA LYS B 89 20.68 -4.01 24.22
C LYS B 89 20.16 -3.99 22.79
N GLU B 90 18.90 -3.58 22.64
CA GLU B 90 18.31 -3.44 21.32
C GLU B 90 18.89 -2.21 20.64
N LEU B 91 19.40 -2.40 19.42
CA LEU B 91 20.06 -1.29 18.70
C LEU B 91 19.09 -0.14 18.47
N GLU B 92 17.84 -0.43 18.10
CA GLU B 92 16.87 0.63 17.86
C GLU B 92 16.64 1.44 19.12
N GLU B 93 16.67 0.80 20.29
CA GLU B 93 16.48 1.53 21.54
C GLU B 93 17.66 2.44 21.83
N VAL B 94 18.88 1.97 21.55
CA VAL B 94 20.07 2.79 21.79
C VAL B 94 20.03 4.04 20.92
N LEU B 95 19.59 3.90 19.68
CA LEU B 95 19.54 5.05 18.78
C LEU B 95 18.44 6.03 19.18
N LYS B 96 17.33 5.53 19.74
CA LYS B 96 16.26 6.43 20.16
C LYS B 96 16.72 7.38 21.26
N SER B 97 17.63 6.93 22.12
CA SER B 97 18.09 7.72 23.25
C SER B 97 19.23 8.67 22.90
N GLU B 98 19.82 8.55 21.70
CA GLU B 98 20.94 9.39 21.32
C GLU B 98 20.74 10.13 20.00
N LEU B 99 19.74 9.78 19.20
CA LEU B 99 19.44 10.50 17.97
C LEU B 99 18.11 11.23 18.13
N SER B 100 17.86 12.17 17.22
CA SER B 100 16.65 12.98 17.28
C SER B 100 16.28 13.42 15.87
N GLY B 101 15.09 14.02 15.77
CA GLY B 101 14.61 14.60 14.53
C GLY B 101 14.47 13.58 13.42
N ASN B 102 14.64 14.07 12.18
CA ASN B 102 14.52 13.22 11.01
C ASN B 102 15.75 12.35 10.79
N PHE B 103 16.88 12.68 11.42
CA PHE B 103 18.02 11.77 11.40
C PHE B 103 17.69 10.49 12.17
N GLU B 104 16.91 10.60 13.24
CA GLU B 104 16.51 9.43 14.00
C GLU B 104 15.40 8.65 13.29
N LYS B 105 14.47 9.37 12.65
CA LYS B 105 13.39 8.69 11.94
C LYS B 105 13.92 7.87 10.77
N THR B 106 14.89 8.42 10.03
CA THR B 106 15.48 7.67 8.92
C THR B 106 16.28 6.48 9.42
N ALA B 107 17.03 6.65 10.50
CA ALA B 107 17.84 5.56 11.04
C ALA B 107 16.96 4.40 11.48
N LEU B 108 15.87 4.69 12.20
CA LEU B 108 14.96 3.62 12.61
C LEU B 108 14.20 3.04 11.42
N ALA B 109 13.90 3.87 10.42
CA ALA B 109 13.24 3.36 9.22
C ALA B 109 14.12 2.35 8.49
N LEU B 110 15.42 2.62 8.43
CA LEU B 110 16.34 1.69 7.78
C LEU B 110 16.52 0.41 8.59
N LEU B 111 16.25 0.44 9.89
CA LEU B 111 16.37 -0.74 10.73
C LEU B 111 15.12 -1.59 10.74
N ASP B 112 14.02 -1.11 10.16
CA ASP B 112 12.83 -1.92 9.96
C ASP B 112 12.90 -2.62 8.61
N HIS B 113 12.17 -3.72 8.51
CA HIS B 113 11.90 -4.28 7.18
C HIS B 113 11.09 -3.27 6.38
N PRO B 114 11.27 -3.21 5.06
CA PRO B 114 10.50 -2.27 4.25
C PRO B 114 8.99 -2.37 4.44
N SER B 115 8.46 -3.59 4.60
CA SER B 115 7.04 -3.75 4.86
C SER B 115 6.65 -3.25 6.24
N GLU B 116 7.56 -3.37 7.21
CA GLU B 116 7.25 -2.88 8.55
C GLU B 116 7.19 -1.36 8.60
N TYR B 117 8.13 -0.68 7.95
CA TYR B 117 8.07 0.78 7.92
C TYR B 117 6.87 1.28 7.12
N ALA B 118 6.49 0.54 6.06
CA ALA B 118 5.28 0.89 5.34
C ALA B 118 4.05 0.77 6.22
N ALA B 119 4.00 -0.25 7.07
CA ALA B 119 2.89 -0.42 8.00
C ALA B 119 2.86 0.71 9.03
N ARG B 120 4.02 1.08 9.56
CA ARG B 120 4.08 2.20 10.50
C ARG B 120 3.62 3.50 9.86
N GLN B 121 3.97 3.70 8.58
CA GLN B 121 3.53 4.89 7.87
C GLN B 121 2.02 4.90 7.68
N LEU B 122 1.44 3.76 7.30
CA LEU B 122 -0.01 3.71 7.11
C LEU B 122 -0.75 3.93 8.41
N GLN B 123 -0.28 3.32 9.50
CA GLN B 123 -0.94 3.49 10.79
C GLN B 123 -0.85 4.93 11.27
N LYS B 124 0.28 5.60 10.98
CA LYS B 124 0.45 6.99 11.41
C LYS B 124 -0.42 7.93 10.62
N ALA B 125 -0.76 7.58 9.38
CA ALA B 125 -1.50 8.47 8.49
C ALA B 125 -3.01 8.35 8.63
N MET B 126 -3.52 7.30 9.28
CA MET B 126 -4.95 7.08 9.40
C MET B 126 -5.45 7.75 10.67
N LYS B 127 -6.01 8.95 10.52
CA LYS B 127 -6.48 9.76 11.64
C LYS B 127 -7.97 10.04 11.57
N GLY B 128 -8.74 9.10 11.01
CA GLY B 128 -10.18 9.24 10.94
C GLY B 128 -10.65 9.52 9.52
N LEU B 129 -11.97 9.40 9.35
CA LEU B 129 -12.58 9.63 8.05
C LEU B 129 -12.50 11.10 7.67
N GLY B 130 -12.31 11.37 6.38
CA GLY B 130 -12.18 12.71 5.88
C GLY B 130 -10.79 13.29 5.92
N THR B 131 -9.89 12.71 6.72
CA THR B 131 -8.53 13.18 6.80
C THR B 131 -7.78 12.86 5.51
N ASP B 132 -6.53 13.35 5.43
CA ASP B 132 -5.73 13.13 4.24
C ASP B 132 -5.45 11.64 4.03
N GLU B 133 -5.56 11.21 2.77
CA GLU B 133 -5.43 9.80 2.41
C GLU B 133 -4.29 9.55 1.44
N SER B 134 -3.39 10.52 1.25
CA SER B 134 -2.36 10.40 0.22
C SER B 134 -1.40 9.25 0.51
N VAL B 135 -1.04 9.05 1.78
CA VAL B 135 -0.10 7.99 2.12
C VAL B 135 -0.72 6.61 1.87
N LEU B 136 -1.99 6.45 2.25
CA LEU B 136 -2.67 5.18 2.02
C LEU B 136 -2.80 4.88 0.54
N ILE B 137 -3.01 5.92 -0.27
CA ILE B 137 -3.10 5.74 -1.72
C ILE B 137 -1.74 5.42 -2.31
N GLU B 138 -0.69 6.09 -1.82
CA GLU B 138 0.64 5.91 -2.38
C GLU B 138 1.14 4.48 -2.18
N VAL B 139 0.94 3.93 -0.98
CA VAL B 139 1.49 2.61 -0.67
C VAL B 139 0.71 1.51 -1.37
N LEU B 140 -0.62 1.55 -1.30
CA LEU B 140 -1.41 0.42 -1.80
C LEU B 140 -1.47 0.37 -3.31
N CYS B 141 -1.33 1.51 -3.99
CA CYS B 141 -1.43 1.56 -5.44
C CYS B 141 -0.09 1.39 -6.15
N THR B 142 0.98 1.11 -5.41
CA THR B 142 2.30 0.97 -6.00
C THR B 142 3.02 -0.31 -5.56
N ARG B 143 2.34 -1.21 -4.86
CA ARG B 143 2.96 -2.41 -4.35
C ARG B 143 2.46 -3.64 -5.09
N THR B 144 3.33 -4.65 -5.18
CA THR B 144 2.98 -5.93 -5.77
C THR B 144 2.17 -6.75 -4.77
N ASN B 145 1.71 -7.93 -5.21
CA ASN B 145 0.94 -8.81 -4.33
C ASN B 145 1.77 -9.25 -3.14
N LYS B 146 2.99 -9.70 -3.38
CA LYS B 146 3.85 -10.16 -2.29
C LYS B 146 4.16 -9.04 -1.31
N GLU B 147 4.35 -7.82 -1.82
CA GLU B 147 4.65 -6.69 -0.93
C GLU B 147 3.43 -6.31 -0.10
N ILE B 148 2.23 -6.34 -0.71
CA ILE B 148 1.02 -6.02 0.05
C ILE B 148 0.79 -7.05 1.15
N ILE B 149 1.01 -8.33 0.84
CA ILE B 149 0.86 -9.37 1.85
C ILE B 149 1.83 -9.15 3.00
N ALA B 150 3.07 -8.75 2.68
CA ALA B 150 4.06 -8.49 3.73
C ALA B 150 3.63 -7.30 4.59
N ILE B 151 3.02 -6.28 3.98
CA ILE B 151 2.56 -5.13 4.74
C ILE B 151 1.40 -5.52 5.65
N LYS B 152 0.46 -6.31 5.15
CA LYS B 152 -0.67 -6.74 5.97
C LYS B 152 -0.20 -7.61 7.13
N GLU B 153 0.82 -8.44 6.91
CA GLU B 153 1.39 -9.22 8.01
C GLU B 153 2.04 -8.32 9.04
N ALA B 154 2.81 -7.32 8.59
CA ALA B 154 3.49 -6.42 9.52
C ALA B 154 2.50 -5.59 10.31
N TYR B 155 1.43 -5.14 9.66
CA TYR B 155 0.43 -4.31 10.34
C TYR B 155 -0.26 -5.10 11.44
N GLN B 156 -0.65 -6.34 11.15
CA GLN B 156 -1.32 -7.17 12.16
C GLN B 156 -0.40 -7.44 13.34
N ARG B 157 0.88 -7.67 13.08
CA ARG B 157 1.82 -7.99 14.15
C ARG B 157 2.14 -6.77 14.99
N LEU B 158 2.31 -5.61 14.36
CA LEU B 158 2.75 -4.42 15.09
C LEU B 158 1.63 -3.77 15.89
N PHE B 159 0.39 -3.85 15.42
CA PHE B 159 -0.71 -3.11 16.04
C PHE B 159 -1.86 -4.00 16.48
N ASP B 160 -1.72 -5.32 16.36
CA ASP B 160 -2.71 -6.28 16.86
C ASP B 160 -4.09 -6.01 16.25
N ARG B 161 -4.11 -5.67 14.96
CA ARG B 161 -5.35 -5.46 14.23
C ARG B 161 -5.04 -5.56 12.75
N SER B 162 -6.06 -5.88 11.96
CA SER B 162 -5.88 -6.02 10.53
C SER B 162 -5.84 -4.67 9.85
N LEU B 163 -4.95 -4.52 8.87
CA LEU B 163 -4.90 -3.29 8.08
C LEU B 163 -6.20 -3.06 7.34
N GLU B 164 -6.89 -4.12 6.94
CA GLU B 164 -8.14 -3.97 6.21
C GLU B 164 -9.22 -3.35 7.08
N SER B 165 -9.29 -3.73 8.36
CA SER B 165 -10.30 -3.17 9.24
C SER B 165 -10.09 -1.68 9.44
N ASP B 166 -8.84 -1.24 9.62
CA ASP B 166 -8.57 0.18 9.78
C ASP B 166 -8.86 0.95 8.50
N VAL B 167 -8.59 0.35 7.35
CA VAL B 167 -8.89 1.01 6.07
C VAL B 167 -10.40 1.16 5.90
N LYS B 168 -11.17 0.13 6.26
CA LYS B 168 -12.62 0.22 6.16
C LYS B 168 -13.18 1.28 7.08
N GLY B 169 -12.56 1.49 8.24
CA GLY B 169 -13.01 2.50 9.17
C GLY B 169 -12.47 3.89 8.94
N ASP B 170 -11.54 4.04 8.01
CA ASP B 170 -10.91 5.33 7.74
C ASP B 170 -11.30 5.91 6.38
N THR B 171 -11.79 5.10 5.45
CA THR B 171 -12.21 5.55 4.14
C THR B 171 -13.69 5.27 3.94
N SER B 172 -14.21 5.64 2.77
CA SER B 172 -15.62 5.45 2.46
C SER B 172 -15.81 5.59 0.95
N GLY B 173 -17.02 5.25 0.51
CA GLY B 173 -17.37 5.40 -0.89
C GLY B 173 -16.63 4.42 -1.79
N ASN B 174 -16.42 4.86 -3.04
CA ASN B 174 -15.67 4.04 -3.99
C ASN B 174 -14.19 3.98 -3.66
N LEU B 175 -13.68 4.92 -2.86
CA LEU B 175 -12.30 4.84 -2.41
C LEU B 175 -12.08 3.63 -1.50
N LYS B 176 -13.06 3.36 -0.62
CA LYS B 176 -12.95 2.17 0.23
C LYS B 176 -12.95 0.90 -0.61
N LYS B 177 -13.79 0.85 -1.65
CA LYS B 177 -13.88 -0.35 -2.48
C LYS B 177 -12.53 -0.66 -3.14
N ILE B 178 -11.91 0.34 -3.76
CA ILE B 178 -10.69 0.09 -4.52
C ILE B 178 -9.53 -0.24 -3.60
N LEU B 179 -9.44 0.42 -2.44
CA LEU B 179 -8.34 0.15 -1.53
C LEU B 179 -8.49 -1.21 -0.86
N VAL B 180 -9.72 -1.56 -0.45
CA VAL B 180 -9.96 -2.89 0.08
C VAL B 180 -9.72 -3.95 -0.99
N SER B 181 -10.02 -3.62 -2.26
CA SER B 181 -9.75 -4.55 -3.35
C SER B 181 -8.25 -4.79 -3.51
N LEU B 182 -7.45 -3.72 -3.47
CA LEU B 182 -6.00 -3.86 -3.58
C LEU B 182 -5.44 -4.68 -2.43
N LEU B 183 -6.08 -4.62 -1.25
CA LEU B 183 -5.63 -5.40 -0.10
C LEU B 183 -5.80 -6.89 -0.29
N GLN B 184 -6.56 -7.32 -1.29
CA GLN B 184 -6.72 -8.75 -1.54
C GLN B 184 -5.47 -9.37 -2.14
N ALA B 185 -4.59 -8.56 -2.73
CA ALA B 185 -3.29 -9.00 -3.24
C ALA B 185 -3.45 -10.14 -4.25
N ASN B 186 -4.45 -10.03 -5.12
CA ASN B 186 -4.70 -11.04 -6.14
C ASN B 186 -4.66 -10.44 -7.55
N ARG B 187 -3.81 -9.44 -7.76
CA ARG B 187 -3.66 -8.88 -9.09
C ARG B 187 -2.99 -9.88 -10.02
N ASN B 188 -3.45 -9.93 -11.26
CA ASN B 188 -2.77 -10.74 -12.27
C ASN B 188 -1.32 -10.27 -12.39
N GLU B 189 -0.40 -11.23 -12.33
CA GLU B 189 1.03 -10.91 -12.41
C GLU B 189 1.74 -11.88 -13.33
N GLY B 190 1.08 -12.26 -14.43
CA GLY B 190 1.70 -13.08 -15.45
C GLY B 190 2.54 -12.26 -16.40
N ASP B 191 3.10 -12.95 -17.39
CA ASP B 191 3.97 -12.31 -18.37
C ASP B 191 3.26 -12.04 -19.70
N ASP B 192 2.13 -12.68 -19.94
CA ASP B 192 1.47 -12.62 -21.24
C ASP B 192 0.45 -11.50 -21.31
N VAL B 193 0.27 -10.97 -22.52
CA VAL B 193 -0.68 -9.89 -22.79
C VAL B 193 -1.78 -10.44 -23.69
N ASP B 194 -3.03 -10.16 -23.34
CA ASP B 194 -4.19 -10.53 -24.14
C ASP B 194 -4.64 -9.29 -24.90
N LYS B 195 -4.32 -9.24 -26.19
CA LYS B 195 -4.63 -8.05 -26.98
C LYS B 195 -6.13 -7.82 -27.08
N ASP B 196 -6.92 -8.90 -27.19
CA ASP B 196 -8.36 -8.76 -27.28
C ASP B 196 -8.96 -8.34 -25.95
N LEU B 197 -8.40 -8.82 -24.84
CA LEU B 197 -8.85 -8.39 -23.52
C LEU B 197 -8.54 -6.91 -23.29
N ALA B 198 -7.36 -6.46 -23.73
CA ALA B 198 -7.02 -5.05 -23.60
C ALA B 198 -7.94 -4.17 -24.43
N GLY B 199 -8.41 -4.67 -25.58
CA GLY B 199 -9.34 -3.89 -26.38
C GLY B 199 -10.72 -3.82 -25.74
N GLN B 200 -11.18 -4.93 -25.16
CA GLN B 200 -12.49 -4.93 -24.52
C GLN B 200 -12.48 -4.08 -23.25
N ASP B 201 -11.42 -4.18 -22.45
CA ASP B 201 -11.31 -3.35 -21.25
C ASP B 201 -11.31 -1.87 -21.60
N ALA B 202 -10.60 -1.50 -22.67
CA ALA B 202 -10.58 -0.10 -23.10
C ALA B 202 -11.97 0.38 -23.49
N LYS B 203 -12.73 -0.46 -24.18
CA LYS B 203 -14.11 -0.10 -24.52
C LYS B 203 -14.97 -0.01 -23.28
N ASP B 204 -14.79 -0.93 -22.34
CA ASP B 204 -15.57 -0.92 -21.11
C ASP B 204 -15.25 0.30 -20.25
N LEU B 205 -13.97 0.70 -20.20
CA LEU B 205 -13.59 1.88 -19.44
C LEU B 205 -14.18 3.15 -20.04
N TYR B 206 -14.30 3.21 -21.37
CA TYR B 206 -14.92 4.38 -22.00
C TYR B 206 -16.42 4.42 -21.71
N ASP B 207 -17.09 3.27 -21.80
CA ASP B 207 -18.53 3.22 -21.54
C ASP B 207 -18.84 3.51 -20.07
N ALA B 208 -17.97 3.10 -19.16
CA ALA B 208 -18.18 3.43 -17.75
C ALA B 208 -18.11 4.93 -17.50
N GLY B 209 -17.33 5.65 -18.31
CA GLY B 209 -17.32 7.10 -18.24
C GLY B 209 -18.53 7.78 -18.82
N GLU B 210 -19.34 7.05 -19.59
CA GLU B 210 -20.57 7.55 -20.17
C GLU B 210 -21.81 7.12 -19.38
N GLY B 211 -21.63 6.37 -18.30
CA GLY B 211 -22.74 5.97 -17.45
C GLY B 211 -23.64 4.92 -18.07
N ARG B 212 -23.08 3.76 -18.42
CA ARG B 212 -23.88 2.67 -18.96
C ARG B 212 -24.25 1.69 -17.86
N TRP B 213 -24.04 0.39 -18.08
CA TRP B 213 -24.17 -0.63 -17.05
C TRP B 213 -23.51 -0.24 -15.73
N ASP B 216 -20.17 3.10 -13.60
CA ASP B 216 -19.50 4.39 -13.62
C ASP B 216 -18.19 4.30 -12.84
N GLU B 217 -18.12 3.34 -11.92
CA GLU B 217 -16.92 3.15 -11.11
C GLU B 217 -16.52 1.69 -10.90
N LEU B 218 -17.46 0.73 -10.98
CA LEU B 218 -17.06 -0.66 -10.78
C LEU B 218 -16.18 -1.18 -11.90
N ALA B 219 -16.26 -0.56 -13.09
CA ALA B 219 -15.42 -0.98 -14.20
C ALA B 219 -13.98 -0.52 -14.01
N PHE B 220 -13.79 0.71 -13.56
CA PHE B 220 -12.43 1.20 -13.27
C PHE B 220 -11.81 0.44 -12.12
N ASN B 221 -12.61 0.07 -11.12
CA ASN B 221 -12.08 -0.68 -9.98
C ASN B 221 -11.57 -2.05 -10.40
N GLU B 222 -12.30 -2.71 -11.29
CA GLU B 222 -11.93 -4.07 -11.67
C GLU B 222 -10.69 -4.08 -12.57
N VAL B 223 -10.66 -3.18 -13.56
CA VAL B 223 -9.56 -3.18 -14.52
C VAL B 223 -8.27 -2.71 -13.88
N LEU B 224 -8.31 -1.59 -13.16
CA LEU B 224 -7.10 -0.99 -12.64
C LEU B 224 -6.50 -1.76 -11.48
N ALA B 225 -7.28 -2.62 -10.81
CA ALA B 225 -6.79 -3.33 -9.64
C ALA B 225 -6.40 -4.77 -9.91
N LYS B 226 -6.95 -5.40 -10.96
CA LYS B 226 -6.76 -6.82 -11.19
C LYS B 226 -5.88 -7.15 -12.40
N ARG B 227 -5.90 -6.32 -13.44
CA ARG B 227 -5.06 -6.58 -14.60
C ARG B 227 -3.60 -6.32 -14.26
N SER B 228 -2.72 -7.06 -14.94
CA SER B 228 -1.29 -6.86 -14.75
C SER B 228 -0.85 -5.52 -15.32
N TYR B 229 0.29 -5.03 -14.82
CA TYR B 229 0.83 -3.77 -15.31
C TYR B 229 1.10 -3.84 -16.81
N LYS B 230 1.63 -4.97 -17.28
CA LYS B 230 1.86 -5.15 -18.71
C LYS B 230 0.55 -5.17 -19.47
N GLN B 231 -0.49 -5.80 -18.90
CA GLN B 231 -1.80 -5.83 -19.55
C GLN B 231 -2.43 -4.44 -19.55
N LEU B 232 -2.24 -3.68 -18.48
CA LEU B 232 -2.83 -2.33 -18.40
C LEU B 232 -2.18 -1.40 -19.41
N ARG B 233 -0.86 -1.52 -19.62
CA ARG B 233 -0.19 -0.68 -20.61
C ARG B 233 -0.77 -0.92 -22.00
N ALA B 234 -1.05 -2.18 -22.34
CA ALA B 234 -1.71 -2.47 -23.61
C ALA B 234 -3.14 -1.93 -23.61
N THR B 235 -3.81 -1.93 -22.45
CA THR B 235 -5.16 -1.39 -22.38
C THR B 235 -5.15 0.13 -22.59
N PHE B 236 -4.15 0.82 -22.04
CA PHE B 236 -4.10 2.27 -22.14
C PHE B 236 -3.81 2.72 -23.57
N GLN B 237 -2.86 2.06 -24.25
CA GLN B 237 -2.56 2.44 -25.63
C GLN B 237 -3.71 2.10 -26.57
N ALA B 238 -4.48 1.05 -26.26
CA ALA B 238 -5.68 0.77 -27.03
C ALA B 238 -6.77 1.80 -26.75
N TYR B 239 -6.82 2.33 -25.53
CA TYR B 239 -7.79 3.37 -25.21
C TYR B 239 -7.49 4.65 -25.96
N GLN B 240 -6.20 4.99 -26.10
CA GLN B 240 -5.82 6.17 -26.88
C GLN B 240 -6.26 6.05 -28.32
N ILE B 241 -6.08 4.87 -28.91
CA ILE B 241 -6.41 4.68 -30.33
C ILE B 241 -7.91 4.71 -30.53
N LEU B 242 -8.67 4.05 -29.65
CA LEU B 242 -10.12 3.96 -29.84
C LEU B 242 -10.81 5.29 -29.58
N ILE B 243 -10.40 6.01 -28.55
CA ILE B 243 -11.13 7.17 -28.08
C ILE B 243 -10.53 8.48 -28.60
N GLY B 244 -9.20 8.56 -28.66
CA GLY B 244 -8.52 9.79 -29.03
C GLY B 244 -7.93 10.54 -27.85
N LYS B 245 -8.30 10.18 -26.62
CA LYS B 245 -7.72 10.75 -25.42
C LYS B 245 -6.89 9.69 -24.71
N ASP B 246 -5.92 10.14 -23.93
CA ASP B 246 -5.25 9.24 -23.01
C ASP B 246 -6.16 8.99 -21.81
N ILE B 247 -5.97 7.85 -21.15
CA ILE B 247 -6.88 7.44 -20.09
C ILE B 247 -6.82 8.39 -18.90
N GLU B 248 -5.73 9.15 -18.75
CA GLU B 248 -5.62 10.08 -17.64
C GLU B 248 -6.58 11.25 -17.80
N GLU B 249 -6.77 11.73 -19.02
CA GLU B 249 -7.75 12.79 -19.27
C GLU B 249 -9.15 12.32 -18.88
N ALA B 250 -9.51 11.11 -19.28
CA ALA B 250 -10.83 10.58 -18.96
C ALA B 250 -11.03 10.45 -17.46
N ILE B 251 -9.99 10.03 -16.74
CA ILE B 251 -10.08 9.92 -15.29
C ILE B 251 -10.26 11.30 -14.66
N GLU B 252 -9.50 12.28 -15.15
CA GLU B 252 -9.61 13.63 -14.61
C GLU B 252 -10.98 14.24 -14.87
N GLU B 253 -11.63 13.85 -15.98
CA GLU B 253 -12.93 14.40 -16.32
C GLU B 253 -14.06 13.69 -15.62
N GLU B 254 -13.92 12.39 -15.36
CA GLU B 254 -15.02 11.56 -14.87
C GLU B 254 -14.94 11.23 -13.39
N THR B 255 -13.84 11.57 -12.72
CA THR B 255 -13.70 11.35 -11.28
C THR B 255 -13.08 12.59 -10.64
N SER B 256 -13.07 12.60 -9.31
CA SER B 256 -12.51 13.72 -8.56
C SER B 256 -12.12 13.21 -7.17
N GLY B 257 -11.48 14.09 -6.40
CA GLY B 257 -11.18 13.76 -5.02
C GLY B 257 -10.09 12.70 -4.88
N ASP B 258 -10.13 12.00 -3.75
CA ASP B 258 -9.13 10.95 -3.50
C ASP B 258 -9.30 9.78 -4.47
N LEU B 259 -10.53 9.54 -4.94
CA LEU B 259 -10.74 8.46 -5.91
C LEU B 259 -9.99 8.73 -7.21
N GLN B 260 -10.01 9.98 -7.68
CA GLN B 260 -9.25 10.33 -8.87
C GLN B 260 -7.76 10.14 -8.64
N LYS B 261 -7.28 10.51 -7.45
CA LYS B 261 -5.86 10.34 -7.15
C LYS B 261 -5.46 8.87 -7.17
N ALA B 262 -6.34 8.00 -6.68
CA ALA B 262 -6.04 6.57 -6.68
C ALA B 262 -5.99 6.03 -8.10
N TYR B 263 -6.98 6.38 -8.93
CA TYR B 263 -6.99 5.91 -10.31
C TYR B 263 -5.77 6.41 -11.07
N LEU B 264 -5.42 7.68 -10.89
CA LEU B 264 -4.24 8.22 -11.57
C LEU B 264 -2.97 7.56 -11.06
N THR B 265 -2.91 7.27 -9.76
CA THR B 265 -1.73 6.58 -9.22
C THR B 265 -1.60 5.19 -9.79
N LEU B 266 -2.71 4.46 -9.90
CA LEU B 266 -2.65 3.12 -10.49
C LEU B 266 -2.23 3.18 -11.95
N VAL B 267 -2.70 4.20 -12.69
CA VAL B 267 -2.31 4.36 -14.08
C VAL B 267 -0.83 4.70 -14.19
N ARG B 268 -0.39 5.70 -13.40
CA ARG B 268 1.02 6.10 -13.43
C ARG B 268 1.93 4.95 -13.04
N CYS B 269 1.55 4.17 -12.02
CA CYS B 269 2.38 3.07 -11.56
C CYS B 269 2.50 1.99 -12.63
N ALA B 270 1.42 1.73 -13.36
CA ALA B 270 1.46 0.69 -14.39
C ALA B 270 2.26 1.12 -15.61
N GLN B 271 2.23 2.41 -15.97
CA GLN B 271 2.97 2.87 -17.13
C GLN B 271 4.44 3.12 -16.80
N ASP B 272 4.72 3.82 -15.70
CA ASP B 272 6.09 4.15 -15.33
C ASP B 272 6.07 4.51 -13.84
N CYS B 273 6.36 3.52 -13.00
CA CYS B 273 6.31 3.75 -11.56
C CYS B 273 7.50 4.56 -11.06
N GLU B 274 8.65 4.45 -11.73
CA GLU B 274 9.79 5.28 -11.36
C GLU B 274 9.52 6.75 -11.62
N ASP B 275 8.86 7.06 -12.74
CA ASP B 275 8.50 8.44 -13.03
C ASP B 275 7.53 8.99 -11.99
N TYR B 276 6.64 8.13 -11.48
CA TYR B 276 5.69 8.57 -10.47
C TYR B 276 6.40 8.96 -9.19
N PHE B 277 7.29 8.09 -8.68
CA PHE B 277 7.98 8.37 -7.43
C PHE B 277 8.94 9.54 -7.58
N ALA B 278 9.54 9.71 -8.76
CA ALA B 278 10.40 10.87 -9.00
C ALA B 278 9.61 12.16 -8.84
N GLU B 279 8.38 12.19 -9.33
CA GLU B 279 7.56 13.40 -9.19
C GLU B 279 7.11 13.60 -7.74
N ARG B 280 6.78 12.50 -7.04
CA ARG B 280 6.42 12.62 -5.63
C ARG B 280 7.60 13.09 -4.80
N LEU B 281 8.82 12.69 -5.17
CA LEU B 281 10.01 13.19 -4.48
C LEU B 281 10.24 14.66 -4.77
N TYR B 282 10.02 15.08 -6.02
CA TYR B 282 10.21 16.48 -6.38
C TYR B 282 9.20 17.37 -5.68
N LYS B 283 7.91 17.01 -5.74
CA LYS B 283 6.87 17.83 -5.16
C LYS B 283 6.96 17.92 -3.64
N SER B 284 7.59 16.95 -2.99
CA SER B 284 7.76 16.99 -1.55
C SER B 284 8.87 17.92 -1.10
N MET B 285 9.60 18.52 -2.04
CA MET B 285 10.73 19.38 -1.72
C MET B 285 10.50 20.85 -2.03
N LYS B 286 9.68 21.17 -3.04
CA LYS B 286 9.45 22.56 -3.41
C LYS B 286 8.85 23.35 -2.25
N GLY B 287 9.70 24.05 -1.52
CA GLY B 287 9.31 24.82 -0.36
C GLY B 287 10.37 24.73 0.72
N ALA B 288 10.38 25.75 1.61
CA ALA B 288 11.34 25.76 2.70
C ALA B 288 10.96 24.78 3.80
N GLY B 289 9.67 24.47 3.94
CA GLY B 289 9.27 23.51 4.96
C GLY B 289 9.64 22.09 4.58
N THR B 290 9.25 21.67 3.38
CA THR B 290 9.59 20.37 2.79
C THR B 290 8.98 19.21 3.58
N ASP B 291 8.06 18.48 2.94
CA ASP B 291 7.47 17.29 3.54
C ASP B 291 8.53 16.20 3.58
N GLU B 292 9.33 16.22 4.63
CA GLU B 292 10.45 15.30 4.77
C GLU B 292 9.99 13.89 5.12
N GLU B 293 8.77 13.73 5.63
CA GLU B 293 8.24 12.39 5.88
C GLU B 293 8.10 11.60 4.59
N THR B 294 7.52 12.23 3.55
CA THR B 294 7.44 11.59 2.25
C THR B 294 8.83 11.32 1.68
N LEU B 295 9.78 12.21 1.96
CA LEU B 295 11.14 12.01 1.47
C LEU B 295 11.75 10.76 2.06
N ILE B 296 11.55 10.52 3.36
CA ILE B 296 12.12 9.35 4.01
C ILE B 296 11.41 8.08 3.56
N ARG B 297 10.07 8.13 3.48
CA ARG B 297 9.30 6.93 3.18
C ARG B 297 9.63 6.40 1.79
N ILE B 298 9.80 7.29 0.81
CA ILE B 298 10.07 6.85 -0.55
C ILE B 298 11.49 6.29 -0.68
N ILE B 299 12.47 7.00 -0.13
CA ILE B 299 13.86 6.59 -0.29
C ILE B 299 14.11 5.28 0.42
N VAL B 300 13.52 5.11 1.61
CA VAL B 300 13.77 3.90 2.40
C VAL B 300 13.06 2.69 1.81
N THR B 301 11.77 2.83 1.52
CA THR B 301 10.99 1.66 1.08
C THR B 301 11.37 1.23 -0.34
N ARG B 302 11.72 2.18 -1.22
CA ARG B 302 12.03 1.87 -2.60
C ARG B 302 13.52 1.64 -2.84
N ALA B 303 14.32 1.56 -1.76
CA ALA B 303 15.78 1.51 -1.92
C ALA B 303 16.21 0.27 -2.71
N GLU B 304 15.72 -0.90 -2.32
CA GLU B 304 16.07 -2.15 -2.99
C GLU B 304 14.96 -2.63 -3.92
N VAL B 305 14.17 -1.70 -4.46
CA VAL B 305 13.10 -2.04 -5.40
C VAL B 305 13.37 -1.36 -6.73
N ASP B 306 13.43 -0.04 -6.74
CA ASP B 306 13.62 0.71 -7.98
C ASP B 306 14.20 2.10 -7.74
N LEU B 307 15.01 2.23 -6.68
CA LEU B 307 15.56 3.55 -6.35
C LEU B 307 16.52 4.05 -7.42
N GLN B 308 17.28 3.16 -8.05
CA GLN B 308 18.18 3.60 -9.11
C GLN B 308 17.40 4.07 -10.34
N GLY B 309 16.28 3.40 -10.65
CA GLY B 309 15.43 3.87 -11.73
C GLY B 309 14.76 5.18 -11.40
N ILE B 310 14.41 5.40 -10.14
CA ILE B 310 13.82 6.67 -9.71
C ILE B 310 14.82 7.81 -9.92
N LYS B 311 16.09 7.58 -9.57
CA LYS B 311 17.10 8.61 -9.74
C LYS B 311 17.31 8.95 -11.21
N ALA B 312 17.29 7.95 -12.08
CA ALA B 312 17.47 8.19 -13.50
C ALA B 312 16.30 8.96 -14.09
N LYS B 313 15.07 8.54 -13.76
CA LYS B 313 13.89 9.26 -14.23
C LYS B 313 13.83 10.66 -13.65
N PHE B 314 14.33 10.85 -12.43
CA PHE B 314 14.35 12.18 -11.83
C PHE B 314 15.27 13.12 -12.61
N GLN B 315 16.48 12.65 -12.93
CA GLN B 315 17.42 13.46 -13.70
C GLN B 315 16.85 13.82 -15.06
N GLU B 316 16.29 12.83 -15.76
CA GLU B 316 15.72 13.05 -17.08
C GLU B 316 14.53 14.02 -17.03
N LYS B 317 13.79 14.02 -15.93
CA LYS B 317 12.55 14.80 -15.84
C LYS B 317 12.77 16.23 -15.38
N TYR B 318 13.78 16.48 -14.55
CA TYR B 318 13.97 17.80 -13.95
C TYR B 318 15.34 18.41 -14.24
N GLN B 319 16.18 17.75 -15.04
CA GLN B 319 17.51 18.21 -15.40
C GLN B 319 18.43 18.38 -14.19
N LYS B 320 18.01 17.93 -13.01
CA LYS B 320 18.83 17.93 -11.82
C LYS B 320 18.79 16.54 -11.21
N SER B 321 19.86 16.18 -10.50
CA SER B 321 19.88 14.88 -9.82
C SER B 321 19.07 14.97 -8.53
N LEU B 322 18.48 13.83 -8.15
CA LEU B 322 17.75 13.76 -6.89
C LEU B 322 18.64 14.10 -5.71
N SER B 323 19.92 13.70 -5.78
CA SER B 323 20.84 13.98 -4.69
C SER B 323 21.12 15.48 -4.57
N ASP B 324 21.26 16.17 -5.71
CA ASP B 324 21.52 17.60 -5.67
C ASP B 324 20.39 18.35 -5.00
N MET B 325 19.15 17.91 -5.19
CA MET B 325 18.01 18.59 -4.58
C MET B 325 17.85 18.24 -3.10
N VAL B 326 18.39 17.11 -2.65
CA VAL B 326 18.42 16.82 -1.22
C VAL B 326 19.31 17.83 -0.50
N ARG B 327 20.47 18.15 -1.08
CA ARG B 327 21.35 19.13 -0.46
C ARG B 327 20.73 20.51 -0.44
N SER B 328 19.91 20.83 -1.45
CA SER B 328 19.29 22.14 -1.55
C SER B 328 18.13 22.33 -0.59
N ASP B 329 17.50 21.26 -0.13
CA ASP B 329 16.29 21.34 0.67
C ASP B 329 16.39 20.68 2.04
N THR B 330 17.53 20.07 2.37
CA THR B 330 17.74 19.49 3.68
C THR B 330 19.09 19.95 4.22
N SER B 331 19.33 19.69 5.50
CA SER B 331 20.56 20.14 6.15
C SER B 331 20.90 19.18 7.28
N GLY B 332 22.05 19.43 7.92
CA GLY B 332 22.46 18.70 9.09
C GLY B 332 22.79 17.24 8.81
N ASP B 333 22.79 16.46 9.90
CA ASP B 333 23.07 15.03 9.78
C ASP B 333 22.01 14.31 8.95
N PHE B 334 20.79 14.84 8.93
CA PHE B 334 19.73 14.26 8.12
C PHE B 334 20.06 14.33 6.64
N ARG B 335 20.58 15.48 6.18
CA ARG B 335 21.00 15.60 4.80
C ARG B 335 22.15 14.64 4.49
N LYS B 336 23.09 14.50 5.43
CA LYS B 336 24.24 13.65 5.19
C LYS B 336 23.83 12.19 5.04
N LEU B 337 22.79 11.77 5.76
CA LEU B 337 22.35 10.38 5.67
C LEU B 337 21.61 10.12 4.36
N LEU B 338 20.74 11.04 3.94
CA LEU B 338 20.02 10.86 2.69
C LEU B 338 20.95 10.85 1.49
N VAL B 339 21.93 11.76 1.47
CA VAL B 339 22.88 11.81 0.37
C VAL B 339 23.65 10.49 0.28
N ALA B 340 23.97 9.90 1.43
CA ALA B 340 24.65 8.61 1.41
C ALA B 340 23.73 7.51 0.89
N LEU B 341 22.44 7.57 1.22
CA LEU B 341 21.49 6.59 0.72
C LEU B 341 21.27 6.71 -0.78
N LEU B 342 21.53 7.88 -1.36
CA LEU B 342 21.41 8.08 -2.80
C LEU B 342 22.69 7.80 -3.56
N HIS B 343 23.82 7.67 -2.85
CA HIS B 343 25.11 7.33 -3.46
C HIS B 343 25.49 8.28 -4.60
N GLY C 40 -13.12 -86.72 -51.79
CA GLY C 40 -14.33 -87.05 -51.07
C GLY C 40 -14.90 -85.88 -50.29
N PHE C 41 -16.02 -85.33 -50.78
CA PHE C 41 -16.68 -84.20 -50.15
C PHE C 41 -17.54 -84.69 -49.00
N ASP C 42 -17.15 -84.35 -47.77
CA ASP C 42 -17.85 -84.77 -46.57
C ASP C 42 -18.54 -83.55 -45.95
N VAL C 43 -19.87 -83.56 -45.96
CA VAL C 43 -20.63 -82.43 -45.44
C VAL C 43 -20.40 -82.26 -43.95
N ASP C 44 -20.41 -83.37 -43.21
CA ASP C 44 -20.26 -83.29 -41.76
C ASP C 44 -18.85 -82.90 -41.34
N ARG C 45 -17.85 -83.26 -42.14
CA ARG C 45 -16.48 -82.85 -41.81
C ARG C 45 -16.29 -81.35 -42.01
N ASP C 46 -16.90 -80.80 -43.07
CA ASP C 46 -16.77 -79.36 -43.31
C ASP C 46 -17.56 -78.55 -42.29
N ALA C 47 -18.79 -78.99 -41.97
CA ALA C 47 -19.57 -78.30 -40.96
C ALA C 47 -18.91 -78.38 -39.59
N LYS C 48 -18.21 -79.48 -39.30
CA LYS C 48 -17.47 -79.58 -38.05
C LYS C 48 -16.26 -78.65 -38.05
N LYS C 49 -15.53 -78.59 -39.17
CA LYS C 49 -14.38 -77.71 -39.25
C LYS C 49 -14.78 -76.24 -39.12
N LEU C 50 -15.95 -75.87 -39.65
CA LEU C 50 -16.45 -74.51 -39.48
C LEU C 50 -16.83 -74.24 -38.02
N ASN C 51 -17.44 -75.21 -37.35
CA ASN C 51 -17.80 -75.03 -35.95
C ASN C 51 -16.56 -74.89 -35.08
N LYS C 52 -15.49 -75.61 -35.42
CA LYS C 52 -14.24 -75.47 -34.69
C LYS C 52 -13.62 -74.09 -34.91
N ALA C 53 -13.64 -73.62 -36.16
CA ALA C 53 -13.06 -72.31 -36.46
C ALA C 53 -13.87 -71.19 -35.83
N CYS C 54 -15.19 -71.26 -35.90
CA CYS C 54 -16.04 -70.23 -35.30
C CYS C 54 -15.95 -70.24 -33.78
N LYS C 55 -15.80 -71.43 -33.19
CA LYS C 55 -15.61 -71.52 -31.74
C LYS C 55 -14.31 -70.85 -31.32
N GLY C 56 -13.25 -71.02 -32.13
CA GLY C 56 -11.97 -70.43 -31.78
C GLY C 56 -11.91 -68.94 -31.96
N MET C 57 -12.62 -68.41 -32.96
CA MET C 57 -12.64 -66.96 -33.16
C MET C 57 -13.33 -66.27 -32.00
N GLY C 58 -14.43 -66.83 -31.51
CA GLY C 58 -15.04 -66.30 -30.30
C GLY C 58 -14.12 -66.36 -29.10
N THR C 59 -13.27 -67.39 -29.03
CA THR C 59 -12.31 -67.50 -27.95
C THR C 59 -11.16 -66.52 -28.13
N ASN C 60 -10.62 -66.44 -29.36
CA ASN C 60 -9.49 -65.57 -29.61
C ASN C 60 -9.88 -64.10 -29.48
N GLU C 61 -11.05 -63.73 -29.99
CA GLU C 61 -11.50 -62.34 -29.85
C GLU C 61 -11.75 -61.99 -28.39
N ALA C 62 -12.33 -62.90 -27.62
CA ALA C 62 -12.53 -62.64 -26.20
C ALA C 62 -11.20 -62.39 -25.49
N ALA C 63 -10.14 -63.07 -25.93
CA ALA C 63 -8.82 -62.84 -25.36
C ALA C 63 -8.29 -61.46 -25.70
N ILE C 64 -8.44 -61.04 -26.97
CA ILE C 64 -8.01 -59.71 -27.37
C ILE C 64 -8.86 -58.65 -26.69
N ILE C 65 -10.16 -58.88 -26.58
CA ILE C 65 -11.05 -57.93 -25.91
C ILE C 65 -10.68 -57.82 -24.44
N GLU C 66 -10.25 -58.93 -23.83
CA GLU C 66 -9.91 -58.91 -22.41
C GLU C 66 -8.70 -58.05 -22.13
N ILE C 67 -7.71 -58.06 -23.04
CA ILE C 67 -6.51 -57.25 -22.86
C ILE C 67 -6.79 -55.79 -23.18
N LEU C 68 -7.46 -55.54 -24.31
CA LEU C 68 -7.70 -54.16 -24.74
C LEU C 68 -8.62 -53.41 -23.80
N SER C 69 -9.56 -54.11 -23.15
CA SER C 69 -10.50 -53.49 -22.23
C SER C 69 -10.11 -53.66 -20.77
N GLY C 70 -9.08 -54.44 -20.48
CA GLY C 70 -8.64 -54.66 -19.11
C GLY C 70 -7.33 -54.02 -18.72
N ARG C 71 -6.75 -53.18 -19.57
CA ARG C 71 -5.48 -52.53 -19.28
C ARG C 71 -5.61 -51.02 -19.51
N THR C 72 -4.76 -50.27 -18.82
CA THR C 72 -4.73 -48.83 -19.03
C THR C 72 -4.04 -48.50 -20.35
N SER C 73 -4.12 -47.23 -20.75
CA SER C 73 -3.47 -46.80 -21.98
C SER C 73 -1.96 -46.96 -21.88
N ASP C 74 -1.38 -46.61 -20.73
CA ASP C 74 0.06 -46.80 -20.54
C ASP C 74 0.43 -48.26 -20.52
N GLU C 75 -0.36 -49.10 -19.83
CA GLU C 75 -0.12 -50.53 -19.86
C GLU C 75 -0.24 -51.09 -21.28
N ARG C 76 -1.18 -50.55 -22.06
CA ARG C 76 -1.33 -51.00 -23.45
C ARG C 76 -0.13 -50.60 -24.29
N GLN C 77 0.43 -49.41 -24.04
CA GLN C 77 1.62 -48.99 -24.78
C GLN C 77 2.81 -49.88 -24.44
N GLN C 78 2.88 -50.39 -23.22
CA GLN C 78 3.96 -51.31 -22.86
C GLN C 78 3.79 -52.64 -23.57
N ILE C 79 2.57 -53.15 -23.64
CA ILE C 79 2.32 -54.41 -24.35
C ILE C 79 2.65 -54.26 -25.82
N LYS C 80 2.39 -53.07 -26.38
CA LYS C 80 2.67 -52.85 -27.79
C LYS C 80 4.17 -52.86 -28.07
N GLN C 81 4.98 -52.27 -27.18
CA GLN C 81 6.42 -52.28 -27.37
C GLN C 81 7.00 -53.66 -27.11
N LYS C 82 6.51 -54.35 -26.07
CA LYS C 82 7.03 -55.68 -25.75
C LYS C 82 6.68 -56.69 -26.83
N TYR C 83 5.51 -56.55 -27.45
CA TYR C 83 5.11 -57.48 -28.50
C TYR C 83 6.05 -57.41 -29.70
N LYS C 84 6.51 -56.20 -30.03
CA LYS C 84 7.43 -56.06 -31.17
C LYS C 84 8.78 -56.69 -30.87
N ALA C 85 9.32 -56.43 -29.68
CA ALA C 85 10.65 -56.95 -29.34
C ALA C 85 10.64 -58.47 -29.25
N THR C 86 9.52 -59.05 -28.78
CA THR C 86 9.47 -60.49 -28.57
C THR C 86 9.17 -61.25 -29.85
N TYR C 87 8.24 -60.75 -30.67
CA TYR C 87 7.77 -61.48 -31.84
C TYR C 87 8.14 -60.82 -33.16
N GLY C 88 8.92 -59.73 -33.12
CA GLY C 88 9.45 -59.15 -34.34
C GLY C 88 8.44 -58.49 -35.25
N LYS C 89 7.19 -58.34 -34.83
CA LYS C 89 6.15 -57.74 -35.65
C LYS C 89 5.39 -56.71 -34.82
N GLU C 90 4.93 -55.66 -35.51
CA GLU C 90 4.12 -54.63 -34.86
C GLU C 90 2.73 -55.19 -34.55
N LEU C 91 2.27 -54.95 -33.32
CA LEU C 91 0.97 -55.47 -32.92
C LEU C 91 -0.15 -54.85 -33.75
N GLU C 92 -0.05 -53.54 -34.03
CA GLU C 92 -1.07 -52.89 -34.86
C GLU C 92 -1.13 -53.49 -36.25
N GLU C 93 0.01 -53.94 -36.78
CA GLU C 93 0.02 -54.52 -38.12
C GLU C 93 -0.61 -55.91 -38.13
N VAL C 94 -0.41 -56.67 -37.05
CA VAL C 94 -1.00 -58.01 -36.98
C VAL C 94 -2.51 -57.92 -36.89
N LEU C 95 -3.03 -56.96 -36.12
CA LEU C 95 -4.47 -56.81 -35.99
C LEU C 95 -5.11 -56.35 -37.29
N LYS C 96 -4.42 -55.49 -38.05
CA LYS C 96 -4.95 -55.04 -39.33
C LYS C 96 -5.16 -56.20 -40.29
N SER C 97 -4.31 -57.23 -40.22
CA SER C 97 -4.36 -58.33 -41.17
C SER C 97 -5.36 -59.40 -40.77
N GLU C 98 -5.93 -59.33 -39.57
CA GLU C 98 -6.87 -60.34 -39.10
C GLU C 98 -8.17 -59.77 -38.54
N LEU C 99 -8.25 -58.48 -38.26
CA LEU C 99 -9.48 -57.85 -37.81
C LEU C 99 -10.00 -56.90 -38.89
N SER C 100 -11.31 -56.67 -38.85
CA SER C 100 -11.97 -55.82 -39.84
C SER C 100 -13.07 -55.03 -39.15
N GLY C 101 -13.72 -54.15 -39.93
CA GLY C 101 -14.83 -53.37 -39.46
C GLY C 101 -14.45 -52.42 -38.34
N ASN C 102 -15.47 -52.08 -37.54
CA ASN C 102 -15.26 -51.19 -36.40
C ASN C 102 -14.67 -51.91 -35.21
N PHE C 103 -14.68 -53.24 -35.19
CA PHE C 103 -13.91 -53.97 -34.18
C PHE C 103 -12.42 -53.74 -34.36
N GLU C 104 -11.97 -53.68 -35.61
CA GLU C 104 -10.57 -53.36 -35.87
C GLU C 104 -10.28 -51.88 -35.63
N LYS C 105 -11.23 -51.01 -35.98
CA LYS C 105 -11.01 -49.58 -35.79
C LYS C 105 -10.93 -49.22 -34.31
N THR C 106 -11.74 -49.88 -33.49
CA THR C 106 -11.67 -49.63 -32.04
C THR C 106 -10.41 -50.23 -31.43
N ALA C 107 -10.01 -51.42 -31.91
CA ALA C 107 -8.80 -52.05 -31.40
C ALA C 107 -7.57 -51.19 -31.69
N LEU C 108 -7.47 -50.65 -32.91
CA LEU C 108 -6.35 -49.79 -33.23
C LEU C 108 -6.45 -48.44 -32.54
N ALA C 109 -7.66 -47.97 -32.28
CA ALA C 109 -7.83 -46.73 -31.54
C ALA C 109 -7.33 -46.87 -30.11
N LEU C 110 -7.53 -48.05 -29.50
CA LEU C 110 -7.05 -48.30 -28.16
C LEU C 110 -5.54 -48.46 -28.11
N LEU C 111 -4.91 -48.85 -29.22
CA LEU C 111 -3.46 -48.99 -29.27
C LEU C 111 -2.74 -47.68 -29.54
N ASP C 112 -3.47 -46.60 -29.79
CA ASP C 112 -2.90 -45.28 -29.91
C ASP C 112 -3.01 -44.55 -28.58
N HIS C 113 -2.20 -43.50 -28.44
CA HIS C 113 -2.43 -42.55 -27.37
C HIS C 113 -3.71 -41.77 -27.67
N PRO C 114 -4.46 -41.37 -26.64
CA PRO C 114 -5.68 -40.59 -26.89
C PRO C 114 -5.45 -39.34 -27.72
N SER C 115 -4.26 -38.74 -27.62
CA SER C 115 -3.94 -37.59 -28.45
C SER C 115 -3.78 -38.01 -29.91
N GLU C 116 -3.15 -39.15 -30.16
CA GLU C 116 -2.90 -39.59 -31.53
C GLU C 116 -4.20 -39.92 -32.27
N TYR C 117 -5.10 -40.66 -31.60
CA TYR C 117 -6.36 -41.01 -32.26
C TYR C 117 -7.22 -39.79 -32.52
N ALA C 118 -7.19 -38.81 -31.60
CA ALA C 118 -7.90 -37.57 -31.86
C ALA C 118 -7.33 -36.85 -33.07
N ALA C 119 -6.00 -36.90 -33.23
CA ALA C 119 -5.38 -36.29 -34.41
C ALA C 119 -5.79 -37.00 -35.68
N ARG C 120 -5.87 -38.33 -35.66
CA ARG C 120 -6.31 -39.08 -36.83
C ARG C 120 -7.76 -38.74 -37.17
N GLN C 121 -8.61 -38.59 -36.16
CA GLN C 121 -10.00 -38.22 -36.40
C GLN C 121 -10.12 -36.82 -37.00
N LEU C 122 -9.25 -35.90 -36.56
CA LEU C 122 -9.26 -34.56 -37.11
C LEU C 122 -8.82 -34.56 -38.57
N GLN C 123 -7.71 -35.25 -38.87
CA GLN C 123 -7.23 -35.32 -40.25
C GLN C 123 -8.25 -36.00 -41.16
N LYS C 124 -8.96 -37.00 -40.63
CA LYS C 124 -9.93 -37.73 -41.43
C LYS C 124 -11.17 -36.89 -41.75
N ALA C 125 -11.50 -35.94 -40.88
CA ALA C 125 -12.75 -35.20 -40.99
C ALA C 125 -12.64 -33.94 -41.85
N MET C 126 -11.43 -33.47 -42.13
CA MET C 126 -11.24 -32.22 -42.89
C MET C 126 -11.26 -32.55 -44.37
N LYS C 127 -12.37 -32.23 -45.03
CA LYS C 127 -12.55 -32.47 -46.45
C LYS C 127 -12.68 -31.16 -47.24
N GLY C 128 -12.07 -30.09 -46.75
CA GLY C 128 -12.12 -28.81 -47.43
C GLY C 128 -13.23 -27.92 -46.92
N LEU C 129 -13.25 -26.70 -47.46
CA LEU C 129 -14.23 -25.71 -47.05
C LEU C 129 -15.64 -26.17 -47.37
N GLY C 130 -16.57 -25.89 -46.46
CA GLY C 130 -17.97 -26.20 -46.65
C GLY C 130 -18.41 -27.59 -46.22
N THR C 131 -17.51 -28.37 -45.63
CA THR C 131 -17.83 -29.73 -45.22
C THR C 131 -18.29 -29.75 -43.76
N ASP C 132 -18.50 -30.95 -43.24
CA ASP C 132 -18.95 -31.10 -41.86
C ASP C 132 -17.80 -30.85 -40.90
N GLU C 133 -18.00 -29.93 -39.95
CA GLU C 133 -16.98 -29.57 -38.98
C GLU C 133 -17.31 -30.05 -37.57
N SER C 134 -18.22 -31.02 -37.45
CA SER C 134 -18.68 -31.44 -36.13
C SER C 134 -17.57 -32.10 -35.33
N VAL C 135 -16.69 -32.86 -36.00
CA VAL C 135 -15.60 -33.52 -35.30
C VAL C 135 -14.55 -32.51 -34.85
N LEU C 136 -14.26 -31.52 -35.72
CA LEU C 136 -13.29 -30.49 -35.34
C LEU C 136 -13.81 -29.66 -34.18
N ILE C 137 -15.10 -29.35 -34.17
CA ILE C 137 -15.69 -28.60 -33.08
C ILE C 137 -15.69 -29.44 -31.79
N GLU C 138 -16.04 -30.72 -31.90
CA GLU C 138 -16.14 -31.57 -30.72
C GLU C 138 -14.80 -31.68 -30.00
N VAL C 139 -13.71 -31.83 -30.74
CA VAL C 139 -12.41 -32.06 -30.11
C VAL C 139 -11.83 -30.77 -29.57
N LEU C 140 -11.87 -29.70 -30.37
CA LEU C 140 -11.20 -28.47 -29.97
C LEU C 140 -11.93 -27.71 -28.88
N CYS C 141 -13.23 -27.95 -28.71
CA CYS C 141 -14.02 -27.23 -27.73
C CYS C 141 -14.17 -27.97 -26.41
N THR C 142 -13.63 -29.20 -26.30
CA THR C 142 -13.79 -30.00 -25.10
C THR C 142 -12.45 -30.48 -24.55
N ARG C 143 -11.35 -29.82 -24.92
CA ARG C 143 -10.02 -30.24 -24.49
C ARG C 143 -9.35 -29.13 -23.71
N THR C 144 -8.50 -29.53 -22.76
CA THR C 144 -7.74 -28.59 -21.96
C THR C 144 -6.52 -28.10 -22.74
N ASN C 145 -5.75 -27.21 -22.12
CA ASN C 145 -4.53 -26.71 -22.74
C ASN C 145 -3.54 -27.85 -22.98
N LYS C 146 -3.33 -28.70 -21.98
CA LYS C 146 -2.37 -29.79 -22.09
C LYS C 146 -2.79 -30.79 -23.17
N GLU C 147 -4.09 -31.03 -23.29
CA GLU C 147 -4.56 -32.01 -24.27
C GLU C 147 -4.45 -31.48 -25.69
N ILE C 148 -4.71 -30.18 -25.89
CA ILE C 148 -4.61 -29.60 -27.22
C ILE C 148 -3.16 -29.59 -27.68
N ILE C 149 -2.23 -29.30 -26.78
CA ILE C 149 -0.81 -29.34 -27.13
C ILE C 149 -0.42 -30.73 -27.58
N ALA C 150 -0.94 -31.76 -26.90
CA ALA C 150 -0.64 -33.13 -27.28
C ALA C 150 -1.24 -33.47 -28.64
N ILE C 151 -2.41 -32.92 -28.96
CA ILE C 151 -3.03 -33.19 -30.25
C ILE C 151 -2.26 -32.47 -31.36
N LYS C 152 -1.92 -31.20 -31.13
CA LYS C 152 -1.13 -30.45 -32.12
C LYS C 152 0.22 -31.11 -32.37
N GLU C 153 0.80 -31.74 -31.35
CA GLU C 153 2.08 -32.43 -31.54
C GLU C 153 1.89 -33.72 -32.32
N ALA C 154 0.92 -34.54 -31.92
CA ALA C 154 0.69 -35.81 -32.61
C ALA C 154 0.29 -35.57 -34.06
N TYR C 155 -0.51 -34.53 -34.32
CA TYR C 155 -0.88 -34.21 -35.69
C TYR C 155 0.34 -33.86 -36.52
N GLN C 156 1.29 -33.13 -35.94
CA GLN C 156 2.52 -32.80 -36.65
C GLN C 156 3.36 -34.06 -36.89
N ARG C 157 3.47 -34.92 -35.86
CA ARG C 157 4.30 -36.10 -35.98
C ARG C 157 3.75 -37.09 -37.00
N LEU C 158 2.43 -37.32 -36.98
CA LEU C 158 1.85 -38.36 -37.82
C LEU C 158 1.69 -37.93 -39.28
N PHE C 159 1.41 -36.65 -39.53
CA PHE C 159 1.05 -36.21 -40.87
C PHE C 159 2.00 -35.17 -41.46
N ASP C 160 3.08 -34.82 -40.77
CA ASP C 160 4.07 -33.86 -41.25
C ASP C 160 3.46 -32.51 -41.60
N ARG C 161 2.30 -32.19 -41.02
CA ARG C 161 1.65 -30.90 -41.22
C ARG C 161 1.22 -30.36 -39.87
N SER C 162 0.96 -29.05 -39.84
CA SER C 162 0.49 -28.39 -38.62
C SER C 162 -1.03 -28.47 -38.57
N LEU C 163 -1.57 -28.80 -37.40
CA LEU C 163 -3.03 -28.83 -37.25
C LEU C 163 -3.63 -27.45 -37.50
N GLU C 164 -2.95 -26.40 -37.02
CA GLU C 164 -3.43 -25.04 -37.25
C GLU C 164 -3.45 -24.71 -38.73
N SER C 165 -2.50 -25.23 -39.50
CA SER C 165 -2.45 -24.95 -40.93
C SER C 165 -3.67 -25.53 -41.64
N ASP C 166 -3.99 -26.80 -41.36
CA ASP C 166 -5.14 -27.42 -42.01
C ASP C 166 -6.44 -26.78 -41.57
N VAL C 167 -6.54 -26.39 -40.30
CA VAL C 167 -7.76 -25.75 -39.82
C VAL C 167 -7.98 -24.42 -40.54
N LYS C 168 -6.92 -23.64 -40.72
CA LYS C 168 -7.05 -22.38 -41.45
C LYS C 168 -7.45 -22.60 -42.90
N GLY C 169 -7.04 -23.72 -43.49
CA GLY C 169 -7.42 -24.07 -44.84
C GLY C 169 -8.66 -24.92 -44.97
N ASP C 170 -9.30 -25.27 -43.85
CA ASP C 170 -10.52 -26.06 -43.84
C ASP C 170 -11.74 -25.27 -43.40
N THR C 171 -11.56 -24.15 -42.70
CA THR C 171 -12.65 -23.35 -42.18
C THR C 171 -12.52 -21.92 -42.70
N SER C 172 -13.49 -21.09 -42.31
CA SER C 172 -13.50 -19.68 -42.71
C SER C 172 -14.41 -18.93 -41.74
N GLY C 173 -14.46 -17.61 -41.91
CA GLY C 173 -15.33 -16.80 -41.08
C GLY C 173 -14.88 -16.74 -39.64
N ASN C 174 -15.84 -16.47 -38.75
CA ASN C 174 -15.53 -16.41 -37.32
C ASN C 174 -15.29 -17.78 -36.72
N LEU C 175 -15.81 -18.85 -37.34
CA LEU C 175 -15.47 -20.20 -36.90
C LEU C 175 -13.98 -20.45 -37.05
N LYS C 176 -13.38 -19.92 -38.10
CA LYS C 176 -11.93 -20.01 -38.25
C LYS C 176 -11.22 -19.25 -37.13
N LYS C 177 -11.79 -18.12 -36.71
CA LYS C 177 -11.17 -17.32 -35.65
C LYS C 177 -11.18 -18.07 -34.32
N ILE C 178 -12.34 -18.62 -33.93
CA ILE C 178 -12.45 -19.23 -32.61
C ILE C 178 -11.63 -20.52 -32.54
N LEU C 179 -11.63 -21.31 -33.63
CA LEU C 179 -10.91 -22.57 -33.61
C LEU C 179 -9.40 -22.35 -33.58
N VAL C 180 -8.90 -21.40 -34.37
CA VAL C 180 -7.49 -21.05 -34.31
C VAL C 180 -7.13 -20.50 -32.93
N SER C 181 -8.05 -19.74 -32.34
CA SER C 181 -7.82 -19.21 -30.99
C SER C 181 -7.74 -20.33 -29.95
N LEU C 182 -8.63 -21.33 -30.07
CA LEU C 182 -8.58 -22.46 -29.14
C LEU C 182 -7.29 -23.26 -29.31
N LEU C 183 -6.72 -23.29 -30.51
CA LEU C 183 -5.50 -24.03 -30.76
C LEU C 183 -4.28 -23.41 -30.08
N GLN C 184 -4.39 -22.18 -29.57
CA GLN C 184 -3.27 -21.57 -28.87
C GLN C 184 -3.02 -22.23 -27.52
N ALA C 185 -4.01 -22.96 -27.00
CA ALA C 185 -3.87 -23.70 -25.74
C ALA C 185 -3.43 -22.79 -24.59
N ASN C 186 -4.04 -21.62 -24.51
CA ASN C 186 -3.69 -20.63 -23.50
C ASN C 186 -4.92 -20.16 -22.72
N ARG C 187 -5.89 -21.04 -22.53
CA ARG C 187 -7.03 -20.73 -21.68
C ARG C 187 -6.58 -20.64 -20.23
N ASN C 188 -7.16 -19.70 -19.48
CA ASN C 188 -6.88 -19.62 -18.05
C ASN C 188 -7.32 -20.91 -17.37
N GLU C 189 -6.41 -21.50 -16.59
CA GLU C 189 -6.69 -22.77 -15.92
C GLU C 189 -6.33 -22.68 -14.44
N GLY C 190 -6.66 -21.55 -13.81
CA GLY C 190 -6.59 -21.44 -12.37
C GLY C 190 -7.90 -21.78 -11.70
N ASP C 191 -7.87 -21.88 -10.37
CA ASP C 191 -9.06 -22.24 -9.61
C ASP C 191 -9.63 -21.07 -8.82
N ASP C 192 -9.36 -19.84 -9.25
CA ASP C 192 -9.93 -18.65 -8.64
C ASP C 192 -10.99 -18.06 -9.57
N VAL C 193 -12.01 -17.45 -8.96
CA VAL C 193 -13.13 -16.87 -9.70
C VAL C 193 -13.18 -15.38 -9.38
N ASP C 194 -13.17 -14.56 -10.42
CA ASP C 194 -13.31 -13.10 -10.30
C ASP C 194 -14.78 -12.78 -10.54
N LYS C 195 -15.51 -12.52 -9.45
CA LYS C 195 -16.95 -12.29 -9.57
C LYS C 195 -17.26 -11.00 -10.32
N ASP C 196 -16.41 -9.98 -10.17
CA ASP C 196 -16.63 -8.73 -10.90
C ASP C 196 -16.33 -8.90 -12.38
N LEU C 197 -15.32 -9.72 -12.70
CA LEU C 197 -15.03 -10.02 -14.10
C LEU C 197 -16.17 -10.81 -14.74
N ALA C 198 -16.76 -11.74 -13.99
CA ALA C 198 -17.87 -12.53 -14.53
C ALA C 198 -19.07 -11.64 -14.83
N GLY C 199 -19.36 -10.67 -13.95
CA GLY C 199 -20.46 -9.77 -14.19
C GLY C 199 -20.22 -8.83 -15.36
N GLN C 200 -18.98 -8.43 -15.58
CA GLN C 200 -18.66 -7.56 -16.71
C GLN C 200 -18.66 -8.34 -18.02
N ASP C 201 -18.13 -9.56 -18.02
CA ASP C 201 -18.18 -10.40 -19.21
C ASP C 201 -19.62 -10.68 -19.62
N ALA C 202 -20.49 -10.94 -18.64
CA ALA C 202 -21.90 -11.17 -18.96
C ALA C 202 -22.54 -9.93 -19.58
N LYS C 203 -22.18 -8.74 -19.10
CA LYS C 203 -22.68 -7.52 -19.69
C LYS C 203 -22.12 -7.32 -21.10
N ASP C 204 -20.85 -7.68 -21.30
CA ASP C 204 -20.24 -7.53 -22.62
C ASP C 204 -20.85 -8.50 -23.62
N LEU C 205 -21.09 -9.75 -23.21
CA LEU C 205 -21.73 -10.71 -24.10
C LEU C 205 -23.14 -10.28 -24.48
N TYR C 206 -23.83 -9.58 -23.59
CA TYR C 206 -25.15 -9.05 -23.93
C TYR C 206 -25.03 -7.89 -24.92
N ASP C 207 -24.17 -6.92 -24.62
CA ASP C 207 -23.94 -5.81 -25.53
C ASP C 207 -23.37 -6.27 -26.86
N ALA C 208 -22.71 -7.43 -26.89
CA ALA C 208 -22.28 -8.01 -28.15
C ALA C 208 -23.49 -8.33 -29.03
N GLY C 209 -24.39 -9.17 -28.52
CA GLY C 209 -25.59 -9.57 -29.24
C GLY C 209 -26.48 -8.43 -29.71
N GLU C 210 -26.13 -7.20 -29.33
CA GLU C 210 -26.80 -6.01 -29.81
C GLU C 210 -25.88 -5.15 -30.68
N GLY C 211 -24.61 -5.52 -30.83
CA GLY C 211 -23.66 -4.80 -31.65
C GLY C 211 -23.43 -3.36 -31.21
N ARG C 212 -22.91 -3.16 -30.00
CA ARG C 212 -22.73 -1.81 -29.48
C ARG C 212 -21.51 -1.12 -30.08
N TRP C 213 -20.41 -1.86 -30.27
CA TRP C 213 -19.18 -1.30 -30.82
C TRP C 213 -18.94 -1.70 -32.27
N GLY C 214 -19.07 -2.97 -32.60
CA GLY C 214 -18.89 -3.42 -33.96
C GLY C 214 -19.15 -4.91 -34.15
N THR C 215 -18.13 -5.73 -33.94
CA THR C 215 -18.25 -7.17 -34.11
C THR C 215 -18.71 -7.80 -32.80
N ASP C 216 -19.85 -8.49 -32.85
CA ASP C 216 -20.37 -9.16 -31.66
C ASP C 216 -19.58 -10.42 -31.34
N GLU C 217 -19.28 -11.22 -32.38
CA GLU C 217 -18.62 -12.50 -32.19
C GLU C 217 -17.21 -12.38 -31.65
N LEU C 218 -16.61 -11.19 -31.65
CA LEU C 218 -15.29 -11.02 -31.05
C LEU C 218 -15.37 -11.13 -29.53
N ALA C 219 -16.46 -10.62 -28.93
CA ALA C 219 -16.63 -10.74 -27.49
C ALA C 219 -16.85 -12.18 -27.07
N PHE C 220 -17.69 -12.92 -27.82
CA PHE C 220 -17.91 -14.32 -27.50
C PHE C 220 -16.65 -15.14 -27.69
N ASN C 221 -15.85 -14.83 -28.72
CA ASN C 221 -14.61 -15.56 -28.93
C ASN C 221 -13.66 -15.36 -27.76
N GLU C 222 -13.58 -14.15 -27.21
CA GLU C 222 -12.64 -13.87 -26.14
C GLU C 222 -13.08 -14.54 -24.84
N VAL C 223 -14.35 -14.39 -24.48
CA VAL C 223 -14.82 -14.91 -23.19
C VAL C 223 -14.86 -16.44 -23.21
N LEU C 224 -15.45 -17.03 -24.25
CA LEU C 224 -15.68 -18.47 -24.25
C LEU C 224 -14.41 -19.28 -24.43
N ALA C 225 -13.34 -18.68 -24.95
CA ALA C 225 -12.11 -19.41 -25.22
C ALA C 225 -11.01 -19.17 -24.21
N LYS C 226 -10.98 -18.00 -23.57
CA LYS C 226 -9.87 -17.64 -22.69
C LYS C 226 -10.20 -17.76 -21.21
N ARG C 227 -11.45 -17.58 -20.82
CA ARG C 227 -11.81 -17.69 -19.41
C ARG C 227 -11.82 -19.15 -18.98
N SER C 228 -11.54 -19.38 -17.70
CA SER C 228 -11.57 -20.73 -17.16
C SER C 228 -13.00 -21.26 -17.11
N TYR C 229 -13.11 -22.58 -17.01
CA TYR C 229 -14.44 -23.20 -16.91
C TYR C 229 -15.17 -22.70 -15.67
N LYS C 230 -14.47 -22.67 -14.52
CA LYS C 230 -15.09 -22.19 -13.30
C LYS C 230 -15.49 -20.73 -13.41
N GLN C 231 -14.67 -19.92 -14.11
CA GLN C 231 -15.03 -18.52 -14.34
C GLN C 231 -16.21 -18.41 -15.28
N LEU C 232 -16.32 -19.30 -16.26
CA LEU C 232 -17.42 -19.25 -17.20
C LEU C 232 -18.75 -19.60 -16.54
N ARG C 233 -18.74 -20.57 -15.62
CA ARG C 233 -19.96 -20.91 -14.91
C ARG C 233 -20.50 -19.71 -14.14
N ALA C 234 -19.61 -18.98 -13.46
CA ALA C 234 -20.02 -17.76 -12.79
C ALA C 234 -20.50 -16.72 -13.79
N THR C 235 -19.90 -16.68 -14.98
CA THR C 235 -20.33 -15.73 -16.00
C THR C 235 -21.74 -16.08 -16.50
N PHE C 236 -22.05 -17.38 -16.60
CA PHE C 236 -23.37 -17.79 -17.08
C PHE C 236 -24.45 -17.49 -16.03
N GLN C 237 -24.16 -17.77 -14.75
CA GLN C 237 -25.10 -17.44 -13.70
C GLN C 237 -25.36 -15.94 -13.64
N ALA C 238 -24.33 -15.13 -13.83
CA ALA C 238 -24.51 -13.69 -13.89
C ALA C 238 -25.34 -13.29 -15.10
N TYR C 239 -25.20 -13.98 -16.21
CA TYR C 239 -25.98 -13.66 -17.41
C TYR C 239 -27.46 -13.91 -17.18
N GLN C 240 -27.80 -15.04 -16.54
CA GLN C 240 -29.20 -15.35 -16.29
C GLN C 240 -29.84 -14.31 -15.39
N ILE C 241 -29.11 -13.85 -14.37
CA ILE C 241 -29.66 -12.87 -13.44
C ILE C 241 -29.78 -11.50 -14.09
N LEU C 242 -28.78 -11.12 -14.89
CA LEU C 242 -28.77 -9.79 -15.48
C LEU C 242 -29.76 -9.65 -16.62
N ILE C 243 -29.91 -10.69 -17.44
CA ILE C 243 -30.65 -10.58 -18.69
C ILE C 243 -32.01 -11.26 -18.59
N GLY C 244 -32.12 -12.36 -17.85
CA GLY C 244 -33.32 -13.14 -17.77
C GLY C 244 -33.34 -14.35 -18.69
N LYS C 245 -32.44 -14.40 -19.67
CA LYS C 245 -32.26 -15.54 -20.54
C LYS C 245 -31.03 -16.33 -20.13
N ASP C 246 -31.02 -17.61 -20.49
CA ASP C 246 -29.81 -18.40 -20.37
C ASP C 246 -28.87 -18.08 -21.53
N ILE C 247 -27.57 -18.28 -21.30
CA ILE C 247 -26.58 -17.93 -22.32
C ILE C 247 -26.80 -18.76 -23.58
N GLU C 248 -27.28 -20.01 -23.44
CA GLU C 248 -27.53 -20.83 -24.61
C GLU C 248 -28.69 -20.30 -25.44
N GLU C 249 -29.67 -19.65 -24.81
CA GLU C 249 -30.78 -19.08 -25.55
C GLU C 249 -30.32 -17.89 -26.38
N ALA C 250 -29.49 -17.02 -25.81
CA ALA C 250 -29.01 -15.86 -26.56
C ALA C 250 -28.13 -16.30 -27.73
N ILE C 251 -27.32 -17.34 -27.53
CA ILE C 251 -26.44 -17.82 -28.60
C ILE C 251 -27.26 -18.36 -29.77
N GLU C 252 -28.33 -19.09 -29.47
CA GLU C 252 -29.15 -19.67 -30.54
C GLU C 252 -29.88 -18.59 -31.33
N GLU C 253 -30.15 -17.44 -30.74
CA GLU C 253 -30.84 -16.36 -31.42
C GLU C 253 -29.91 -15.42 -32.18
N GLU C 254 -28.64 -15.36 -31.78
CA GLU C 254 -27.71 -14.39 -32.36
C GLU C 254 -26.66 -15.01 -33.26
N THR C 255 -26.51 -16.33 -33.26
CA THR C 255 -25.56 -17.02 -34.12
C THR C 255 -26.25 -18.18 -34.81
N SER C 256 -25.57 -18.73 -35.82
CA SER C 256 -26.13 -19.83 -36.60
C SER C 256 -24.99 -20.61 -37.22
N GLY C 257 -25.33 -21.77 -37.79
CA GLY C 257 -24.33 -22.57 -38.48
C GLY C 257 -23.36 -23.23 -37.52
N ASP C 258 -22.15 -23.50 -38.03
CA ASP C 258 -21.13 -24.14 -37.21
C ASP C 258 -20.64 -23.22 -36.11
N LEU C 259 -20.75 -21.91 -36.29
CA LEU C 259 -20.34 -20.98 -35.23
C LEU C 259 -21.22 -21.13 -34.00
N GLN C 260 -22.53 -21.29 -34.20
CA GLN C 260 -23.41 -21.53 -33.06
C GLN C 260 -23.09 -22.85 -32.40
N LYS C 261 -22.85 -23.90 -33.19
CA LYS C 261 -22.49 -25.18 -32.61
C LYS C 261 -21.18 -25.12 -31.84
N ALA C 262 -20.25 -24.26 -32.27
CA ALA C 262 -19.00 -24.10 -31.54
C ALA C 262 -19.23 -23.39 -30.20
N TYR C 263 -20.02 -22.31 -30.22
CA TYR C 263 -20.31 -21.59 -28.98
C TYR C 263 -21.09 -22.45 -28.00
N LEU C 264 -22.11 -23.16 -28.50
CA LEU C 264 -22.90 -24.03 -27.63
C LEU C 264 -22.06 -25.17 -27.06
N THR C 265 -21.09 -25.67 -27.83
CA THR C 265 -20.21 -26.71 -27.33
C THR C 265 -19.28 -26.18 -26.25
N LEU C 266 -18.77 -24.96 -26.44
CA LEU C 266 -17.92 -24.34 -25.43
C LEU C 266 -18.70 -24.10 -24.14
N VAL C 267 -19.93 -23.61 -24.26
CA VAL C 267 -20.75 -23.33 -23.09
C VAL C 267 -21.06 -24.62 -22.34
N ARG C 268 -21.49 -25.65 -23.08
CA ARG C 268 -21.93 -26.88 -22.43
C ARG C 268 -20.78 -27.65 -21.79
N CYS C 269 -19.59 -27.59 -22.37
CA CYS C 269 -18.46 -28.29 -21.75
C CYS C 269 -17.97 -27.56 -20.51
N ALA C 270 -18.00 -26.22 -20.52
CA ALA C 270 -17.62 -25.47 -19.34
C ALA C 270 -18.61 -25.68 -18.21
N GLN C 271 -19.90 -25.76 -18.53
CA GLN C 271 -20.93 -25.94 -17.51
C GLN C 271 -20.97 -27.38 -17.01
N ASP C 272 -20.96 -28.34 -17.94
CA ASP C 272 -21.02 -29.76 -17.60
C ASP C 272 -20.63 -30.60 -18.81
N CYS C 273 -19.34 -30.92 -18.94
CA CYS C 273 -18.86 -31.59 -20.14
C CYS C 273 -19.27 -33.06 -20.18
N GLU C 274 -19.40 -33.70 -19.02
CA GLU C 274 -19.89 -35.08 -18.99
C GLU C 274 -21.31 -35.17 -19.51
N ASP C 275 -22.15 -34.20 -19.14
CA ASP C 275 -23.50 -34.13 -19.69
C ASP C 275 -23.46 -33.92 -21.20
N TYR C 276 -22.47 -33.17 -21.68
CA TYR C 276 -22.35 -32.91 -23.12
C TYR C 276 -22.10 -34.21 -23.88
N PHE C 277 -21.12 -34.99 -23.43
CA PHE C 277 -20.81 -36.24 -24.12
C PHE C 277 -21.91 -37.27 -23.95
N ALA C 278 -22.65 -37.21 -22.84
CA ALA C 278 -23.76 -38.14 -22.65
C ALA C 278 -24.81 -37.98 -23.74
N GLU C 279 -25.23 -36.74 -23.99
CA GLU C 279 -26.17 -36.48 -25.07
C GLU C 279 -25.53 -36.76 -26.43
N ARG C 280 -24.25 -36.45 -26.55
CA ARG C 280 -23.52 -36.72 -27.78
C ARG C 280 -23.53 -38.21 -28.11
N LEU C 281 -23.43 -39.05 -27.09
CA LEU C 281 -23.49 -40.50 -27.30
C LEU C 281 -24.92 -40.96 -27.58
N TYR C 282 -25.90 -40.35 -26.91
CA TYR C 282 -27.29 -40.75 -27.08
C TYR C 282 -27.77 -40.47 -28.50
N LYS C 283 -27.46 -39.28 -29.02
CA LYS C 283 -27.92 -38.87 -30.34
C LYS C 283 -27.18 -39.55 -31.48
N SER C 284 -26.06 -40.20 -31.21
CA SER C 284 -25.34 -40.96 -32.22
C SER C 284 -25.85 -42.39 -32.35
N MET C 285 -26.85 -42.78 -31.57
CA MET C 285 -27.39 -44.12 -31.60
C MET C 285 -28.82 -44.22 -32.12
N LYS C 286 -29.61 -43.15 -31.97
CA LYS C 286 -31.00 -43.16 -32.44
C LYS C 286 -31.07 -43.41 -33.94
N GLY C 287 -31.17 -44.67 -34.33
CA GLY C 287 -31.23 -45.06 -35.72
C GLY C 287 -30.60 -46.43 -35.92
N ALA C 288 -30.98 -47.06 -37.03
CA ALA C 288 -30.44 -48.38 -37.35
C ALA C 288 -29.03 -48.30 -37.92
N GLY C 289 -28.67 -47.18 -38.55
CA GLY C 289 -27.32 -47.03 -39.06
C GLY C 289 -26.32 -46.78 -37.95
N THR C 290 -26.61 -45.81 -37.08
CA THR C 290 -25.81 -45.48 -35.90
C THR C 290 -24.42 -44.97 -36.26
N ASP C 291 -24.14 -43.70 -35.94
CA ASP C 291 -22.82 -43.12 -36.15
C ASP C 291 -21.85 -43.76 -35.16
N GLU C 292 -21.32 -44.93 -35.53
CA GLU C 292 -20.42 -45.66 -34.65
C GLU C 292 -19.05 -45.00 -34.55
N GLU C 293 -18.68 -44.19 -35.53
CA GLU C 293 -17.40 -43.46 -35.46
C GLU C 293 -17.37 -42.54 -34.25
N THR C 294 -18.50 -41.91 -33.93
CA THR C 294 -18.57 -41.03 -32.77
C THR C 294 -18.55 -41.83 -31.47
N LEU C 295 -19.18 -43.00 -31.46
CA LEU C 295 -19.11 -43.87 -30.27
C LEU C 295 -17.66 -44.21 -29.94
N ILE C 296 -16.90 -44.63 -30.96
CA ILE C 296 -15.51 -45.00 -30.73
C ILE C 296 -14.71 -43.79 -30.27
N ARG C 297 -14.91 -42.65 -30.92
CA ARG C 297 -14.10 -41.48 -30.64
C ARG C 297 -14.31 -41.00 -29.21
N ILE C 298 -15.56 -40.98 -28.74
CA ILE C 298 -15.84 -40.48 -27.40
C ILE C 298 -15.39 -41.48 -26.35
N ILE C 299 -15.71 -42.76 -26.55
CA ILE C 299 -15.42 -43.76 -25.53
C ILE C 299 -13.92 -43.98 -25.38
N VAL C 300 -13.17 -43.90 -26.49
CA VAL C 300 -11.74 -44.16 -26.43
C VAL C 300 -10.99 -42.97 -25.87
N THR C 301 -11.25 -41.77 -26.39
CA THR C 301 -10.49 -40.60 -25.97
C THR C 301 -10.82 -40.16 -24.54
N ARG C 302 -12.07 -40.34 -24.12
CA ARG C 302 -12.48 -39.94 -22.78
C ARG C 302 -12.41 -41.08 -21.78
N ALA C 303 -11.78 -42.21 -22.14
CA ALA C 303 -11.79 -43.39 -21.29
C ALA C 303 -11.15 -43.10 -19.94
N GLU C 304 -9.94 -42.53 -19.95
CA GLU C 304 -9.20 -42.21 -18.73
C GLU C 304 -9.29 -40.73 -18.38
N VAL C 305 -10.37 -40.06 -18.79
CA VAL C 305 -10.57 -38.65 -18.49
C VAL C 305 -11.82 -38.48 -17.64
N ASP C 306 -12.98 -38.87 -18.19
CA ASP C 306 -14.23 -38.69 -17.46
C ASP C 306 -15.31 -39.63 -17.95
N LEU C 307 -14.92 -40.82 -18.43
CA LEU C 307 -15.90 -41.77 -18.95
C LEU C 307 -16.85 -42.25 -17.86
N GLN C 308 -16.38 -42.37 -16.62
CA GLN C 308 -17.26 -42.76 -15.53
C GLN C 308 -18.29 -41.70 -15.23
N GLY C 309 -17.91 -40.43 -15.33
CA GLY C 309 -18.87 -39.35 -15.16
C GLY C 309 -19.86 -39.27 -16.31
N ILE C 310 -19.42 -39.61 -17.52
CA ILE C 310 -20.32 -39.65 -18.66
C ILE C 310 -21.38 -40.73 -18.47
N LYS C 311 -20.97 -41.91 -18.00
CA LYS C 311 -21.93 -42.99 -17.75
C LYS C 311 -22.93 -42.60 -16.67
N ALA C 312 -22.47 -41.86 -15.65
CA ALA C 312 -23.36 -41.44 -14.58
C ALA C 312 -24.37 -40.42 -15.08
N LYS C 313 -23.91 -39.44 -15.85
CA LYS C 313 -24.82 -38.45 -16.41
C LYS C 313 -25.78 -39.08 -17.42
N PHE C 314 -25.31 -40.09 -18.15
CA PHE C 314 -26.18 -40.78 -19.10
C PHE C 314 -27.33 -41.48 -18.38
N GLN C 315 -27.01 -42.24 -17.32
CA GLN C 315 -28.03 -42.91 -16.55
C GLN C 315 -29.03 -41.93 -15.96
N GLU C 316 -28.53 -40.79 -15.45
CA GLU C 316 -29.40 -39.80 -14.84
C GLU C 316 -30.31 -39.13 -15.88
N LYS C 317 -29.79 -38.92 -17.09
CA LYS C 317 -30.50 -38.12 -18.08
C LYS C 317 -31.47 -38.93 -18.92
N TYR C 318 -31.25 -40.25 -19.05
CA TYR C 318 -32.06 -41.06 -19.96
C TYR C 318 -32.67 -42.28 -19.29
N GLN C 319 -32.51 -42.44 -17.98
CA GLN C 319 -33.12 -43.51 -17.19
C GLN C 319 -32.61 -44.90 -17.55
N LYS C 320 -31.64 -44.99 -18.46
CA LYS C 320 -31.05 -46.27 -18.83
C LYS C 320 -29.54 -46.10 -19.01
N SER C 321 -28.80 -47.13 -18.66
CA SER C 321 -27.34 -47.08 -18.69
C SER C 321 -26.84 -46.96 -20.13
N LEU C 322 -25.65 -46.36 -20.27
CA LEU C 322 -25.03 -46.25 -21.58
C LEU C 322 -24.74 -47.63 -22.17
N SER C 323 -24.34 -48.58 -21.32
CA SER C 323 -24.02 -49.92 -21.79
C SER C 323 -25.25 -50.63 -22.37
N ASP C 324 -26.43 -50.38 -21.80
CA ASP C 324 -27.64 -51.01 -22.32
C ASP C 324 -28.01 -50.48 -23.70
N MET C 325 -27.75 -49.20 -23.96
CA MET C 325 -28.04 -48.66 -25.29
C MET C 325 -27.00 -49.09 -26.31
N VAL C 326 -25.75 -49.27 -25.90
CA VAL C 326 -24.77 -49.90 -26.78
C VAL C 326 -25.24 -51.30 -27.17
N ARG C 327 -25.77 -52.04 -26.20
CA ARG C 327 -26.18 -53.42 -26.43
C ARG C 327 -27.26 -53.53 -27.51
N SER C 328 -28.16 -52.55 -27.58
CA SER C 328 -29.31 -52.62 -28.48
C SER C 328 -29.11 -51.84 -29.77
N ASP C 329 -27.93 -51.23 -29.97
CA ASP C 329 -27.67 -50.47 -31.19
C ASP C 329 -26.39 -50.90 -31.90
N THR C 330 -25.66 -51.88 -31.38
CA THR C 330 -24.51 -52.47 -32.03
C THR C 330 -24.63 -53.99 -31.95
N SER C 331 -23.68 -54.70 -32.58
CA SER C 331 -23.76 -56.15 -32.64
C SER C 331 -22.39 -56.74 -32.93
N GLY C 332 -22.25 -58.02 -32.58
CA GLY C 332 -21.09 -58.81 -32.97
C GLY C 332 -19.81 -58.43 -32.23
N ASP C 333 -18.71 -58.49 -32.98
CA ASP C 333 -17.40 -58.14 -32.43
C ASP C 333 -17.40 -56.74 -31.84
N PHE C 334 -17.98 -55.79 -32.57
CA PHE C 334 -17.93 -54.39 -32.16
C PHE C 334 -18.69 -54.18 -30.85
N ARG C 335 -19.84 -54.84 -30.69
CA ARG C 335 -20.63 -54.66 -29.48
C ARG C 335 -19.91 -55.23 -28.25
N LYS C 336 -19.33 -56.43 -28.39
CA LYS C 336 -18.69 -57.07 -27.25
C LYS C 336 -17.52 -56.25 -26.73
N LEU C 337 -16.79 -55.57 -27.63
CA LEU C 337 -15.66 -54.77 -27.18
C LEU C 337 -16.11 -53.49 -26.50
N LEU C 338 -17.16 -52.83 -27.03
CA LEU C 338 -17.65 -51.61 -26.42
C LEU C 338 -18.22 -51.87 -25.02
N VAL C 339 -19.00 -52.94 -24.88
CA VAL C 339 -19.56 -53.29 -23.57
C VAL C 339 -18.44 -53.53 -22.58
N ALA C 340 -17.36 -54.17 -23.03
CA ALA C 340 -16.22 -54.43 -22.14
C ALA C 340 -15.54 -53.13 -21.73
N LEU C 341 -15.45 -52.17 -22.65
CA LEU C 341 -14.85 -50.87 -22.34
C LEU C 341 -15.69 -50.04 -21.37
N LEU C 342 -16.96 -50.41 -21.14
CA LEU C 342 -17.82 -49.68 -20.24
C LEU C 342 -17.93 -50.31 -18.86
N HIS C 343 -17.64 -51.60 -18.73
CA HIS C 343 -17.59 -52.29 -17.43
C HIS C 343 -18.86 -52.11 -16.60
C1 EDO D . -1.12 19.50 25.99
O1 EDO D . 0.16 19.80 25.42
C2 EDO D . -1.18 18.03 26.39
O2 EDO D . -2.45 17.74 26.96
C1 EDO E . 6.08 20.73 0.30
O1 EDO E . 6.95 21.46 1.17
C2 EDO E . 5.04 20.00 1.13
O2 EDO E . 4.11 19.33 0.25
C1 EDO F . 15.24 18.37 9.85
O1 EDO F . 15.99 18.72 8.68
C2 EDO F . 15.97 17.25 10.60
O2 EDO F . 15.25 16.92 11.80
C1 EDO G . 12.20 -4.52 -0.56
O1 EDO G . 13.24 -5.09 -1.37
C2 EDO G . 10.84 -5.00 -1.05
O2 EDO G . 9.81 -4.27 -0.38
C1 EDO H . -26.40 -39.36 -35.68
O1 EDO H . -27.36 -38.60 -36.43
C2 EDO H . -26.45 -40.82 -36.12
O2 EDO H . -26.04 -40.92 -37.49
C1 EDO I . -21.24 -53.67 -36.30
O1 EDO I . -20.44 -54.83 -36.03
C2 EDO I . -22.02 -53.30 -35.05
O2 EDO I . -22.93 -52.23 -35.33
#